data_4MM0
#
_entry.id   4MM0
#
_cell.length_a   184.050
_cell.length_b   184.050
_cell.length_c   80.320
_cell.angle_alpha   90.00
_cell.angle_beta   90.00
_cell.angle_gamma   90.00
#
_symmetry.space_group_name_H-M   'P 41 21 2'
#
loop_
_entity.id
_entity.type
_entity.pdbx_description
1 polymer 'P450-like monooxygenase'
2 non-polymer 'PROTOPORPHYRIN IX CONTAINING FE'
3 water water
#
_entity_poly.entity_id   1
_entity_poly.type   'polypeptide(L)'
_entity_poly.pdbx_seq_one_letter_code
;MASMAASATRHPYPFDRAVPTAIPPLYEELRETERVAAITMATGDPGFLVTRYEDVRFVLSDPRFSVRQDLPGAPRLTEM
TFESVMTTDPPVHTRLRRLLSRDFTARRIERMRPRLEEIAEGLLDEMEKKGAPADIVESLAVPFPITVICELLGVPMVDV
ARFRGWADTMVSLTGYSMEDWTAARDALESYLDGLVAAKRENPGSDLLSALVATAAEDNELTDHDVRSLSLILLLAGYEP
ASNQLGSSVLTLLRFPDRLAELRRDPGLLPSAVEELMRYAPAGDGALFRVTLEDVTIGDTHIPANSAVLASTQAANWDPR
RFDDPTGLRLDRPDNQHTALGHGIHFCLGAALARVELQVAIGALLRRFPRLALATDESGLRWSSPGSMLSGFAEIPVTW
;
_entity_poly.pdbx_strand_id   A,B
#
# COMPACT_ATOMS: atom_id res chain seq x y z
N ALA A 8 0.78 1.35 -24.59
CA ALA A 8 0.35 1.70 -23.24
C ALA A 8 -1.08 2.22 -23.28
N THR A 9 -1.85 1.91 -22.23
CA THR A 9 -3.26 2.27 -22.18
C THR A 9 -3.43 3.75 -21.83
N ARG A 10 -4.61 4.31 -22.10
CA ARG A 10 -4.89 5.69 -21.72
C ARG A 10 -5.82 5.70 -20.51
N HIS A 11 -5.37 6.23 -19.38
CA HIS A 11 -6.11 6.08 -18.12
C HIS A 11 -7.06 7.24 -17.80
N PRO A 12 -8.27 6.91 -17.33
CA PRO A 12 -9.21 7.97 -16.91
C PRO A 12 -8.66 8.74 -15.71
N TYR A 13 -8.70 10.06 -15.76
CA TYR A 13 -8.28 10.90 -14.64
C TYR A 13 -9.46 11.82 -14.28
N PRO A 14 -9.66 12.12 -12.99
CA PRO A 14 -8.86 11.80 -11.80
C PRO A 14 -8.89 10.33 -11.36
N PHE A 15 -8.05 10.00 -10.38
CA PHE A 15 -7.90 8.63 -9.92
C PHE A 15 -8.64 8.41 -8.61
N ASP A 16 -8.99 7.17 -8.34
CA ASP A 16 -9.71 6.81 -7.12
C ASP A 16 -8.84 6.17 -6.05
N ARG A 17 -9.20 6.40 -4.80
CA ARG A 17 -8.60 5.67 -3.69
C ARG A 17 -9.30 4.32 -3.52
N ALA A 18 -8.56 3.32 -3.09
CA ALA A 18 -9.18 2.06 -2.71
C ALA A 18 -9.56 2.15 -1.23
N VAL A 19 -8.54 2.22 -0.37
CA VAL A 19 -8.73 2.47 1.05
C VAL A 19 -8.49 3.95 1.34
N PRO A 20 -9.44 4.60 2.04
CA PRO A 20 -9.48 6.07 2.18
C PRO A 20 -8.26 6.70 2.82
N THR A 21 -7.39 5.92 3.44
CA THR A 21 -6.22 6.47 4.12
C THR A 21 -4.95 6.47 3.28
N ALA A 22 -4.99 5.83 2.11
CA ALA A 22 -3.83 5.79 1.24
C ALA A 22 -4.12 6.50 -0.08
N ILE A 23 -3.11 7.15 -0.65
CA ILE A 23 -3.23 7.84 -1.94
C ILE A 23 -3.68 6.86 -3.05
N PRO A 24 -4.28 7.38 -4.13
CA PRO A 24 -4.75 6.49 -5.22
C PRO A 24 -3.66 5.55 -5.73
N PRO A 25 -3.94 4.24 -5.70
CA PRO A 25 -2.94 3.23 -6.08
C PRO A 25 -2.46 3.32 -7.52
N LEU A 26 -3.27 3.84 -8.41
CA LEU A 26 -2.86 3.93 -9.82
C LEU A 26 -1.68 4.91 -9.98
N TYR A 27 -1.59 5.90 -9.10
CA TYR A 27 -0.43 6.78 -9.06
C TYR A 27 0.86 5.98 -8.88
N GLU A 28 0.86 5.06 -7.92
CA GLU A 28 2.05 4.27 -7.63
C GLU A 28 2.35 3.24 -8.70
N GLU A 29 1.29 2.63 -9.24
CA GLU A 29 1.43 1.68 -10.34
C GLU A 29 2.10 2.34 -11.55
N LEU A 30 1.60 3.52 -11.92
CA LEU A 30 2.19 4.25 -13.03
C LEU A 30 3.62 4.65 -12.71
N ARG A 31 3.84 5.15 -11.49
CA ARG A 31 5.16 5.63 -11.10
C ARG A 31 6.19 4.55 -11.22
N GLU A 32 5.79 3.31 -10.92
CA GLU A 32 6.73 2.19 -11.06
C GLU A 32 6.86 1.69 -12.52
N THR A 33 5.85 1.95 -13.36
CA THR A 33 5.89 1.35 -14.70
C THR A 33 6.07 2.30 -15.89
N GLU A 34 5.56 3.52 -15.80
CA GLU A 34 5.55 4.46 -16.91
C GLU A 34 6.01 5.87 -16.51
N ARG A 35 7.12 6.32 -17.06
CA ARG A 35 7.66 7.64 -16.72
C ARG A 35 6.67 8.75 -17.06
N VAL A 36 6.13 8.68 -18.26
CA VAL A 36 5.09 9.60 -18.71
C VAL A 36 3.87 8.78 -19.10
N ALA A 37 2.81 8.86 -18.31
CA ALA A 37 1.60 8.08 -18.61
C ALA A 37 0.62 8.86 -19.48
N ALA A 38 -0.17 8.14 -20.28
CA ALA A 38 -1.24 8.78 -21.04
C ALA A 38 -2.54 8.79 -20.23
N ILE A 39 -3.24 9.93 -20.23
CA ILE A 39 -4.53 10.04 -19.54
C ILE A 39 -5.62 10.67 -20.40
N THR A 40 -6.86 10.52 -19.90
CA THR A 40 -8.04 11.17 -20.46
C THR A 40 -8.63 11.94 -19.31
N MET A 41 -8.62 13.27 -19.42
CA MET A 41 -9.07 14.11 -18.31
C MET A 41 -10.59 14.11 -18.23
N ALA A 42 -11.13 14.70 -17.16
CA ALA A 42 -12.57 14.65 -16.90
C ALA A 42 -13.43 15.30 -17.99
N THR A 43 -12.81 16.16 -18.80
CA THR A 43 -13.48 16.82 -19.91
C THR A 43 -13.47 15.97 -21.17
N GLY A 44 -12.66 14.92 -21.17
CA GLY A 44 -12.53 14.08 -22.35
C GLY A 44 -11.19 14.29 -23.06
N ASP A 45 -10.58 15.44 -22.84
CA ASP A 45 -9.31 15.78 -23.50
C ASP A 45 -8.16 14.90 -23.02
N PRO A 46 -7.20 14.62 -23.92
CA PRO A 46 -6.05 13.79 -23.57
C PRO A 46 -4.98 14.60 -22.82
N GLY A 47 -4.22 13.93 -21.95
CA GLY A 47 -3.13 14.59 -21.26
C GLY A 47 -2.00 13.64 -20.95
N PHE A 48 -0.87 14.17 -20.47
CA PHE A 48 0.22 13.33 -19.97
C PHE A 48 0.32 13.44 -18.45
N LEU A 49 0.96 12.45 -17.81
CA LEU A 49 1.10 12.47 -16.35
C LEU A 49 2.45 11.95 -15.89
N VAL A 50 3.18 12.80 -15.17
CA VAL A 50 4.40 12.36 -14.51
C VAL A 50 4.18 12.15 -13.00
N THR A 51 4.90 11.18 -12.44
CA THR A 51 4.70 10.74 -11.07
C THR A 51 6.00 10.59 -10.31
N ARG A 52 7.12 10.48 -11.02
CA ARG A 52 8.40 10.38 -10.34
C ARG A 52 8.88 11.74 -9.82
N TYR A 53 9.51 11.71 -8.64
CA TYR A 53 9.97 12.91 -7.97
C TYR A 53 10.75 13.89 -8.86
N GLU A 54 11.76 13.39 -9.56
CA GLU A 54 12.57 14.27 -10.40
C GLU A 54 11.76 14.85 -11.54
N ASP A 55 10.92 14.04 -12.16
CA ASP A 55 10.05 14.53 -13.24
C ASP A 55 8.98 15.51 -12.75
N VAL A 56 8.46 15.29 -11.55
CA VAL A 56 7.45 16.20 -11.00
C VAL A 56 8.09 17.57 -10.75
N ARG A 57 9.26 17.57 -10.14
CA ARG A 57 9.99 18.82 -9.92
C ARG A 57 10.27 19.54 -11.24
N PHE A 58 10.70 18.77 -12.23
CA PHE A 58 11.02 19.27 -13.55
C PHE A 58 9.83 19.98 -14.19
N VAL A 59 8.72 19.25 -14.29
CA VAL A 59 7.52 19.80 -14.91
C VAL A 59 7.03 21.04 -14.17
N LEU A 60 7.10 21.03 -12.84
CA LEU A 60 6.60 22.17 -12.07
C LEU A 60 7.49 23.40 -12.19
N SER A 61 8.77 23.19 -12.52
CA SER A 61 9.70 24.31 -12.47
C SER A 61 10.15 24.85 -13.85
N ASP A 62 10.18 23.98 -14.87
CA ASP A 62 10.73 24.35 -16.18
C ASP A 62 9.86 25.38 -16.91
N PRO A 63 10.51 26.41 -17.47
CA PRO A 63 9.83 27.53 -18.14
C PRO A 63 9.09 27.18 -19.43
N ARG A 64 9.36 26.02 -20.02
CA ARG A 64 8.57 25.54 -21.17
C ARG A 64 7.21 24.98 -20.78
N PHE A 65 6.91 24.94 -19.47
CA PHE A 65 5.62 24.46 -19.00
C PHE A 65 4.83 25.62 -18.40
N SER A 66 3.66 25.90 -19.00
CA SER A 66 2.85 27.04 -18.59
C SER A 66 1.81 26.64 -17.56
N VAL A 67 1.43 27.57 -16.67
CA VAL A 67 0.40 27.28 -15.68
C VAL A 67 -0.94 27.74 -16.19
N ARG A 68 -0.91 28.43 -17.33
CA ARG A 68 -2.14 28.99 -17.89
C ARG A 68 -3.16 27.92 -18.27
N GLN A 69 -4.42 28.19 -18.01
CA GLN A 69 -5.47 27.25 -18.38
C GLN A 69 -6.39 27.82 -19.45
N ASP A 70 -5.96 28.92 -20.06
CA ASP A 70 -6.74 29.60 -21.10
C ASP A 70 -6.03 29.65 -22.45
N LEU A 71 -5.04 28.80 -22.67
CA LEU A 71 -4.34 28.78 -23.95
C LEU A 71 -5.26 28.23 -25.04
N PRO A 72 -5.29 28.89 -26.21
CA PRO A 72 -6.21 28.51 -27.28
C PRO A 72 -5.90 27.12 -27.84
N GLY A 73 -6.93 26.27 -27.94
CA GLY A 73 -6.78 24.95 -28.51
C GLY A 73 -6.15 23.94 -27.56
N ALA A 74 -5.79 24.39 -26.37
CA ALA A 74 -5.13 23.54 -25.39
C ALA A 74 -6.16 22.65 -24.67
N PRO A 75 -5.76 21.41 -24.34
CA PRO A 75 -6.67 20.53 -23.59
C PRO A 75 -7.02 21.13 -22.22
N ARG A 76 -8.22 20.81 -21.72
CA ARG A 76 -8.74 21.39 -20.49
C ARG A 76 -8.80 20.35 -19.37
N LEU A 77 -8.39 20.74 -18.17
CA LEU A 77 -8.51 19.87 -17.01
C LEU A 77 -9.97 19.85 -16.57
N THR A 78 -10.59 21.03 -16.58
CA THR A 78 -11.99 21.18 -16.20
C THR A 78 -12.65 22.22 -17.09
N GLU A 79 -13.97 22.31 -17.03
CA GLU A 79 -14.69 23.37 -17.72
C GLU A 79 -15.09 24.45 -16.71
N MET A 80 -15.03 24.09 -15.44
CA MET A 80 -15.18 25.04 -14.36
C MET A 80 -13.92 25.89 -14.25
N THR A 81 -14.01 27.17 -14.62
CA THR A 81 -12.86 28.04 -14.52
C THR A 81 -13.18 29.34 -13.77
N PHE A 82 -12.15 29.92 -13.16
CA PHE A 82 -12.24 31.28 -12.66
C PHE A 82 -10.97 32.04 -13.02
N GLU A 83 -11.10 33.35 -13.20
CA GLU A 83 -9.97 34.17 -13.58
C GLU A 83 -9.02 34.31 -12.40
N SER A 84 -7.84 33.74 -12.53
CA SER A 84 -6.83 33.89 -11.50
C SER A 84 -5.64 34.60 -12.10
N VAL A 85 -5.64 35.93 -12.04
CA VAL A 85 -4.54 36.72 -12.62
C VAL A 85 -3.16 36.21 -12.20
N MET A 86 -3.06 35.64 -10.99
CA MET A 86 -1.78 35.13 -10.54
C MET A 86 -1.40 33.79 -11.16
N THR A 87 -2.39 33.03 -11.60
CA THR A 87 -2.10 31.78 -12.30
C THR A 87 -1.78 32.05 -13.77
N THR A 88 -0.70 32.80 -13.99
CA THR A 88 -0.17 33.04 -15.32
C THR A 88 1.34 32.89 -15.35
N ASP A 89 1.92 33.07 -16.53
CA ASP A 89 3.35 32.96 -16.70
C ASP A 89 4.01 34.31 -16.51
N PRO A 90 5.36 34.34 -16.43
CA PRO A 90 6.05 35.64 -16.43
C PRO A 90 5.97 36.29 -17.81
N PRO A 91 6.19 37.62 -17.90
CA PRO A 91 6.59 38.55 -16.82
C PRO A 91 5.47 38.99 -15.87
N VAL A 92 4.20 38.87 -16.26
CA VAL A 92 3.11 39.34 -15.42
C VAL A 92 3.09 38.64 -14.05
N HIS A 93 3.29 37.33 -14.06
CA HIS A 93 3.34 36.57 -12.81
C HIS A 93 4.38 37.18 -11.87
N THR A 94 5.57 37.43 -12.39
CA THR A 94 6.65 38.02 -11.59
C THR A 94 6.23 39.34 -10.96
N ARG A 95 5.47 40.16 -11.64
CA ARG A 95 5.00 41.41 -11.07
C ARG A 95 4.05 41.24 -9.90
N LEU A 96 3.10 40.35 -10.01
CA LEU A 96 2.20 39.99 -8.95
C LEU A 96 2.80 39.30 -7.78
N ARG A 97 3.77 38.47 -8.07
CA ARG A 97 4.59 37.83 -7.05
C ARG A 97 5.34 38.91 -6.26
N ARG A 98 6.06 39.77 -6.99
CA ARG A 98 6.77 40.89 -6.37
C ARG A 98 5.83 41.74 -5.53
N LEU A 99 4.58 41.86 -5.99
CA LEU A 99 3.56 42.60 -5.26
C LEU A 99 3.22 41.99 -3.91
N LEU A 100 3.12 40.68 -3.85
CA LEU A 100 2.69 40.02 -2.59
C LEU A 100 3.78 39.45 -1.66
N SER A 101 4.93 39.06 -2.20
CA SER A 101 5.81 38.11 -1.52
C SER A 101 6.52 38.61 -0.26
N ARG A 102 6.71 39.92 -0.14
CA ARG A 102 7.31 40.50 1.08
C ARG A 102 6.45 40.25 2.30
N ASP A 103 5.15 40.15 2.09
CA ASP A 103 4.20 40.00 3.18
C ASP A 103 4.12 38.55 3.62
N PHE A 104 4.88 37.68 2.97
CA PHE A 104 4.73 36.24 3.20
C PHE A 104 6.02 35.49 3.53
N THR A 105 7.10 36.21 3.82
CA THR A 105 8.33 35.58 4.29
C THR A 105 8.19 34.99 5.69
N ALA A 106 9.10 34.07 6.03
CA ALA A 106 9.10 33.45 7.35
C ALA A 106 9.15 34.48 8.47
N ARG A 107 9.95 35.53 8.27
CA ARG A 107 10.11 36.58 9.26
C ARG A 107 8.77 37.28 9.51
N ARG A 108 8.08 37.64 8.43
CA ARG A 108 6.80 38.35 8.54
C ARG A 108 5.72 37.49 9.18
N ILE A 109 5.65 36.23 8.77
CA ILE A 109 4.65 35.31 9.29
C ILE A 109 4.89 35.04 10.76
N GLU A 110 6.16 35.04 11.14
CA GLU A 110 6.53 34.78 12.53
C GLU A 110 5.87 35.79 13.46
N ARG A 111 5.67 37.02 12.99
CA ARG A 111 4.98 38.02 13.78
C ARG A 111 3.54 37.63 14.07
N MET A 112 2.97 36.78 13.21
CA MET A 112 1.57 36.38 13.38
C MET A 112 1.40 35.26 14.38
N ARG A 113 2.50 34.63 14.77
CA ARG A 113 2.41 33.46 15.65
C ARG A 113 1.59 33.65 16.95
N PRO A 114 1.82 34.77 17.69
CA PRO A 114 1.03 34.94 18.93
C PRO A 114 -0.46 35.02 18.70
N ARG A 115 -0.90 35.71 17.64
CA ARG A 115 -2.32 35.77 17.32
C ARG A 115 -2.86 34.38 16.97
N LEU A 116 -2.07 33.63 16.21
CA LEU A 116 -2.46 32.27 15.81
C LEU A 116 -2.64 31.36 17.03
N GLU A 117 -1.74 31.48 18.00
CA GLU A 117 -1.89 30.76 19.28
C GLU A 117 -3.23 31.07 19.97
N GLU A 118 -3.61 32.35 20.02
CA GLU A 118 -4.90 32.74 20.64
C GLU A 118 -6.06 32.06 19.96
N ILE A 119 -6.12 32.18 18.63
CA ILE A 119 -7.19 31.58 17.86
C ILE A 119 -7.29 30.08 18.11
N ALA A 120 -6.15 29.38 18.06
CA ALA A 120 -6.15 27.94 18.24
C ALA A 120 -6.59 27.56 19.65
N GLU A 121 -6.09 28.29 20.65
CA GLU A 121 -6.48 28.02 22.04
C GLU A 121 -7.99 28.18 22.25
N GLY A 122 -8.58 29.16 21.59
CA GLY A 122 -10.01 29.40 21.71
C GLY A 122 -10.82 28.24 21.17
N LEU A 123 -10.42 27.75 19.99
CA LEU A 123 -11.08 26.62 19.34
C LEU A 123 -11.00 25.34 20.18
N LEU A 124 -9.89 25.17 20.89
CA LEU A 124 -9.73 24.04 21.79
C LEU A 124 -10.65 24.20 23.02
N ASP A 125 -10.75 25.43 23.53
CA ASP A 125 -11.68 25.76 24.62
C ASP A 125 -13.10 25.37 24.26
N GLU A 126 -13.57 25.79 23.09
CA GLU A 126 -14.86 25.38 22.57
C GLU A 126 -15.03 23.85 22.56
N MET A 127 -14.01 23.14 22.10
CA MET A 127 -14.03 21.67 22.09
C MET A 127 -14.31 21.12 23.49
N GLU A 128 -13.55 21.59 24.48
CA GLU A 128 -13.73 21.11 25.86
C GLU A 128 -15.12 21.43 26.40
N LYS A 129 -15.75 22.49 25.89
CA LYS A 129 -17.04 22.95 26.40
C LYS A 129 -18.20 22.07 25.90
N LYS A 130 -18.06 21.50 24.72
CA LYS A 130 -19.08 20.59 24.20
C LYS A 130 -18.80 19.13 24.58
N GLY A 131 -17.59 18.86 25.08
CA GLY A 131 -17.23 17.52 25.51
C GLY A 131 -16.95 16.52 24.39
N ALA A 132 -16.18 15.49 24.72
CA ALA A 132 -15.86 14.44 23.76
C ALA A 132 -17.11 13.60 23.46
N PRO A 133 -17.21 13.04 22.23
CA PRO A 133 -16.27 13.16 21.12
C PRO A 133 -16.50 14.41 20.30
N ALA A 134 -15.47 14.83 19.56
CA ALA A 134 -15.55 15.99 18.69
C ALA A 134 -15.05 15.64 17.29
N ASP A 135 -15.58 16.34 16.29
CA ASP A 135 -15.06 16.22 14.93
C ASP A 135 -13.91 17.20 14.73
N ILE A 136 -12.68 16.68 14.56
CA ILE A 136 -11.52 17.54 14.31
C ILE A 136 -11.73 18.51 13.14
N VAL A 137 -12.46 18.05 12.12
CA VAL A 137 -12.67 18.86 10.92
C VAL A 137 -13.44 20.16 11.21
N GLU A 138 -14.65 20.05 11.75
CA GLU A 138 -15.46 21.25 12.04
C GLU A 138 -14.97 22.03 13.26
N SER A 139 -14.33 21.36 14.21
CA SER A 139 -13.94 22.01 15.46
C SER A 139 -12.63 22.77 15.30
N LEU A 140 -11.77 22.28 14.41
CA LEU A 140 -10.40 22.77 14.32
C LEU A 140 -9.90 23.00 12.87
N ALA A 141 -9.96 21.95 12.05
CA ALA A 141 -9.34 21.97 10.72
C ALA A 141 -9.89 23.03 9.78
N VAL A 142 -11.18 23.31 9.93
CA VAL A 142 -11.85 24.34 9.12
C VAL A 142 -11.77 25.75 9.76
N PRO A 143 -12.25 25.92 11.02
CA PRO A 143 -12.26 27.29 11.54
C PRO A 143 -10.90 27.95 11.67
N PHE A 144 -9.85 27.18 11.97
CA PHE A 144 -8.53 27.77 12.21
C PHE A 144 -7.93 28.48 10.97
N PRO A 145 -7.75 27.74 9.86
CA PRO A 145 -7.14 28.47 8.74
C PRO A 145 -8.11 29.47 8.10
N ILE A 146 -9.41 29.21 8.19
CA ILE A 146 -10.37 30.13 7.59
C ILE A 146 -10.39 31.45 8.37
N THR A 147 -10.25 31.34 9.70
CA THR A 147 -10.15 32.54 10.52
C THR A 147 -8.85 33.28 10.23
N VAL A 148 -7.72 32.56 10.23
CA VAL A 148 -6.43 33.21 9.94
C VAL A 148 -6.48 33.96 8.61
N ILE A 149 -6.89 33.26 7.55
CA ILE A 149 -6.87 33.90 6.23
C ILE A 149 -7.88 35.06 6.13
N CYS A 150 -9.07 34.90 6.70
CA CYS A 150 -10.04 36.01 6.69
C CYS A 150 -9.52 37.26 7.42
N GLU A 151 -9.01 37.09 8.65
CA GLU A 151 -8.39 38.21 9.37
C GLU A 151 -7.30 38.84 8.53
N LEU A 152 -6.42 38.02 7.97
CA LEU A 152 -5.28 38.54 7.22
C LEU A 152 -5.74 39.41 6.07
N LEU A 153 -6.68 38.90 5.29
CA LEU A 153 -7.12 39.61 4.10
C LEU A 153 -8.08 40.75 4.44
N GLY A 154 -8.82 40.63 5.55
CA GLY A 154 -9.71 41.70 5.97
C GLY A 154 -11.19 41.37 5.86
N VAL A 155 -11.51 40.13 5.52
CA VAL A 155 -12.90 39.66 5.52
C VAL A 155 -13.44 39.67 6.96
N PRO A 156 -14.62 40.30 7.16
CA PRO A 156 -15.22 40.44 8.49
C PRO A 156 -15.79 39.12 8.99
N MET A 157 -15.68 38.87 10.30
CA MET A 157 -16.08 37.58 10.86
C MET A 157 -17.49 37.19 10.54
N VAL A 158 -18.35 38.18 10.33
CA VAL A 158 -19.76 37.93 10.10
C VAL A 158 -20.01 37.31 8.71
N ASP A 159 -19.04 37.42 7.81
CA ASP A 159 -19.18 36.89 6.44
C ASP A 159 -18.41 35.58 6.21
N VAL A 160 -17.72 35.10 7.25
CA VAL A 160 -16.97 33.85 7.15
C VAL A 160 -17.82 32.63 6.70
N ALA A 161 -19.05 32.51 7.19
CA ALA A 161 -19.89 31.35 6.84
C ALA A 161 -20.30 31.35 5.36
N ARG A 162 -20.67 32.52 4.86
CA ARG A 162 -21.02 32.66 3.44
C ARG A 162 -19.80 32.41 2.57
N PHE A 163 -18.68 33.01 2.94
CA PHE A 163 -17.43 32.75 2.24
C PHE A 163 -17.11 31.25 2.21
N ARG A 164 -17.24 30.58 3.35
CA ARG A 164 -17.00 29.15 3.44
C ARG A 164 -17.86 28.38 2.45
N GLY A 165 -19.14 28.75 2.34
CA GLY A 165 -20.02 28.11 1.36
C GLY A 165 -19.57 28.27 -0.08
N TRP A 166 -19.25 29.50 -0.44
CA TRP A 166 -18.77 29.78 -1.79
C TRP A 166 -17.48 29.02 -2.10
N ALA A 167 -16.52 29.08 -1.18
CA ALA A 167 -15.22 28.43 -1.32
C ALA A 167 -15.34 26.92 -1.45
N ASP A 168 -16.13 26.31 -0.58
CA ASP A 168 -16.31 24.86 -0.62
C ASP A 168 -16.91 24.52 -1.96
N THR A 169 -17.80 25.38 -2.46
CA THR A 169 -18.39 25.10 -3.78
C THR A 169 -17.36 25.19 -4.92
N MET A 170 -16.57 26.25 -4.94
CA MET A 170 -15.62 26.47 -6.03
C MET A 170 -14.52 25.41 -6.16
N VAL A 171 -14.03 24.91 -5.02
CA VAL A 171 -12.96 23.90 -5.06
C VAL A 171 -13.50 22.47 -5.29
N SER A 172 -14.82 22.34 -5.41
CA SER A 172 -15.43 21.07 -5.74
C SER A 172 -15.56 20.88 -7.25
N LEU A 173 -14.48 20.46 -7.91
CA LEU A 173 -14.48 20.26 -9.36
C LEU A 173 -15.41 19.15 -9.84
N THR A 174 -16.22 18.62 -8.92
CA THR A 174 -17.20 17.58 -9.22
C THR A 174 -18.32 17.66 -8.19
N GLY A 175 -19.52 17.19 -8.54
CA GLY A 175 -20.61 17.18 -7.60
C GLY A 175 -21.50 18.41 -7.64
N TYR A 176 -21.06 19.45 -8.31
CA TYR A 176 -21.92 20.60 -8.55
C TYR A 176 -22.07 20.86 -10.05
N SER A 177 -23.28 21.24 -10.45
CA SER A 177 -23.56 21.62 -11.84
C SER A 177 -22.92 22.98 -12.16
N MET A 178 -22.82 23.27 -13.46
CA MET A 178 -22.32 24.55 -13.94
C MET A 178 -22.97 25.73 -13.24
N GLU A 179 -24.31 25.70 -13.18
CA GLU A 179 -25.07 26.85 -12.69
C GLU A 179 -24.78 27.13 -11.22
N ASP A 180 -24.71 26.07 -10.42
CA ASP A 180 -24.51 26.19 -8.99
C ASP A 180 -23.10 26.68 -8.70
N TRP A 181 -22.15 26.16 -9.49
CA TRP A 181 -20.74 26.50 -9.35
C TRP A 181 -20.51 27.97 -9.71
N THR A 182 -20.98 28.32 -10.88
CA THR A 182 -20.85 29.68 -11.42
C THR A 182 -21.54 30.69 -10.53
N ALA A 183 -22.64 30.28 -9.90
CA ALA A 183 -23.35 31.15 -8.97
C ALA A 183 -22.43 31.49 -7.80
N ALA A 184 -21.76 30.47 -7.28
CA ALA A 184 -20.83 30.64 -6.17
C ALA A 184 -19.67 31.56 -6.56
N ARG A 185 -19.11 31.29 -7.74
CA ARG A 185 -18.03 32.12 -8.24
C ARG A 185 -18.43 33.59 -8.31
N ASP A 186 -19.56 33.86 -8.99
CA ASP A 186 -20.07 35.23 -9.19
C ASP A 186 -20.45 35.92 -7.87
N ALA A 187 -21.04 35.17 -6.96
CA ALA A 187 -21.36 35.65 -5.62
C ALA A 187 -20.09 36.09 -4.88
N LEU A 188 -19.05 35.27 -4.95
CA LEU A 188 -17.79 35.59 -4.26
C LEU A 188 -17.09 36.79 -4.90
N GLU A 189 -16.97 36.79 -6.23
CA GLU A 189 -16.36 37.95 -6.89
C GLU A 189 -17.12 39.22 -6.56
N SER A 190 -18.43 39.18 -6.65
CA SER A 190 -19.26 40.35 -6.36
C SER A 190 -19.03 40.83 -4.92
N TYR A 191 -19.12 39.89 -3.97
CA TYR A 191 -18.77 40.20 -2.58
C TYR A 191 -17.40 40.89 -2.49
N LEU A 192 -16.42 40.37 -3.23
CA LEU A 192 -15.04 40.88 -3.20
C LEU A 192 -14.92 42.30 -3.78
N ASP A 193 -15.61 42.57 -4.90
CA ASP A 193 -15.67 43.95 -5.45
C ASP A 193 -16.25 44.89 -4.39
N GLY A 194 -17.25 44.40 -3.67
CA GLY A 194 -17.82 45.18 -2.59
C GLY A 194 -16.85 45.44 -1.47
N LEU A 195 -16.05 44.43 -1.12
CA LEU A 195 -15.07 44.55 -0.04
C LEU A 195 -13.92 45.48 -0.44
N VAL A 196 -13.47 45.38 -1.69
CA VAL A 196 -12.45 46.26 -2.23
C VAL A 196 -12.93 47.68 -2.05
N ALA A 197 -14.17 47.92 -2.54
CA ALA A 197 -14.83 49.20 -2.38
C ALA A 197 -14.77 49.68 -0.94
N ALA A 198 -15.30 48.87 -0.02
CA ALA A 198 -15.36 49.22 1.40
C ALA A 198 -14.01 49.51 2.02
N LYS A 199 -12.98 48.86 1.50
CA LYS A 199 -11.61 48.95 2.01
C LYS A 199 -10.97 50.26 1.58
N ARG A 200 -11.24 50.67 0.35
CA ARG A 200 -10.86 52.01 -0.10
C ARG A 200 -11.62 53.07 0.69
N GLU A 201 -12.93 52.90 0.78
CA GLU A 201 -13.80 53.79 1.54
C GLU A 201 -13.36 53.92 3.01
N ASN A 202 -13.08 52.79 3.65
CA ASN A 202 -12.64 52.77 5.05
C ASN A 202 -11.54 51.75 5.27
N PRO A 203 -10.26 52.19 5.18
CA PRO A 203 -9.08 51.32 5.28
C PRO A 203 -8.90 50.69 6.66
N GLY A 204 -8.28 49.51 6.68
CA GLY A 204 -7.98 48.82 7.93
C GLY A 204 -6.55 48.35 7.96
N SER A 205 -6.18 47.63 9.01
CA SER A 205 -4.80 47.11 9.18
C SER A 205 -4.54 45.82 8.41
N ASP A 206 -5.41 45.49 7.47
CA ASP A 206 -5.32 44.22 6.77
C ASP A 206 -4.58 44.37 5.44
N LEU A 207 -4.41 43.23 4.76
CA LEU A 207 -3.67 43.17 3.52
C LEU A 207 -4.47 43.72 2.32
N LEU A 208 -5.78 43.43 2.30
CA LEU A 208 -6.61 43.94 1.18
C LEU A 208 -6.61 45.46 1.08
N SER A 209 -6.65 46.14 2.22
CA SER A 209 -6.47 47.59 2.25
C SER A 209 -5.19 48.04 1.54
N ALA A 210 -4.06 47.46 1.95
CA ALA A 210 -2.77 47.81 1.36
C ALA A 210 -2.77 47.56 -0.15
N LEU A 211 -3.42 46.47 -0.55
CA LEU A 211 -3.47 46.15 -1.97
C LEU A 211 -4.23 47.25 -2.70
N VAL A 212 -5.39 47.62 -2.15
CA VAL A 212 -6.28 48.61 -2.76
C VAL A 212 -5.62 49.98 -2.88
N ALA A 213 -5.02 50.43 -1.78
CA ALA A 213 -4.22 51.65 -1.77
C ALA A 213 -3.16 51.61 -2.87
N THR A 214 -2.43 50.49 -2.96
CA THR A 214 -1.42 50.33 -4.00
C THR A 214 -2.03 50.48 -5.40
N ALA A 215 -3.20 49.88 -5.61
CA ALA A 215 -3.87 49.93 -6.91
C ALA A 215 -4.35 51.34 -7.27
N ALA A 216 -4.65 52.15 -6.27
CA ALA A 216 -5.13 53.50 -6.54
C ALA A 216 -4.02 54.28 -7.24
N GLU A 217 -2.79 54.08 -6.78
CA GLU A 217 -1.61 54.75 -7.33
C GLU A 217 -1.03 54.12 -8.60
N ASP A 218 -1.53 52.96 -8.99
CA ASP A 218 -0.97 52.28 -10.16
C ASP A 218 -2.08 51.96 -11.14
N ASN A 219 -2.04 52.60 -12.31
CA ASN A 219 -3.15 52.50 -13.24
C ASN A 219 -3.07 51.23 -14.06
N GLU A 220 -2.04 50.43 -13.84
CA GLU A 220 -1.95 49.15 -14.51
C GLU A 220 -2.39 48.04 -13.56
N LEU A 221 -2.51 48.39 -12.28
CA LEU A 221 -3.03 47.46 -11.27
C LEU A 221 -4.49 47.80 -10.97
N THR A 222 -5.42 47.10 -11.63
CA THR A 222 -6.85 47.41 -11.50
C THR A 222 -7.49 46.88 -10.20
N ASP A 223 -8.63 47.45 -9.83
CA ASP A 223 -9.43 46.90 -8.73
C ASP A 223 -9.86 45.47 -9.05
N HIS A 224 -10.01 45.18 -10.34
CA HIS A 224 -10.36 43.83 -10.78
C HIS A 224 -9.20 42.86 -10.50
N ASP A 225 -7.98 43.35 -10.72
CA ASP A 225 -6.76 42.61 -10.36
C ASP A 225 -6.73 42.31 -8.86
N VAL A 226 -6.90 43.35 -8.04
CA VAL A 226 -6.90 43.16 -6.60
C VAL A 226 -7.97 42.15 -6.16
N ARG A 227 -9.13 42.22 -6.81
CA ARG A 227 -10.21 41.28 -6.52
C ARG A 227 -9.79 39.84 -6.81
N SER A 228 -9.15 39.63 -7.97
CA SER A 228 -8.67 38.30 -8.36
C SER A 228 -7.61 37.76 -7.39
N LEU A 229 -6.67 38.63 -7.02
CA LEU A 229 -5.67 38.28 -6.04
C LEU A 229 -6.31 37.85 -4.72
N SER A 230 -7.24 38.65 -4.21
CA SER A 230 -7.90 38.37 -2.94
C SER A 230 -8.67 37.05 -3.01
N LEU A 231 -9.21 36.77 -4.19
CA LEU A 231 -9.95 35.53 -4.42
C LEU A 231 -9.02 34.34 -4.26
N ILE A 232 -7.93 34.35 -5.05
CA ILE A 232 -6.97 33.25 -4.98
C ILE A 232 -6.36 33.10 -3.59
N LEU A 233 -6.06 34.21 -2.93
CA LEU A 233 -5.52 34.17 -1.57
C LEU A 233 -6.51 33.53 -0.60
N LEU A 234 -7.81 33.78 -0.79
CA LEU A 234 -8.81 33.18 0.11
C LEU A 234 -8.96 31.68 -0.12
N LEU A 235 -9.17 31.29 -1.37
CA LEU A 235 -9.26 29.86 -1.71
C LEU A 235 -8.00 29.06 -1.31
N ALA A 236 -6.85 29.46 -1.83
CA ALA A 236 -5.58 28.81 -1.51
C ALA A 236 -5.23 28.92 -0.03
N GLY A 237 -5.66 30.01 0.60
CA GLY A 237 -5.36 30.25 2.00
C GLY A 237 -6.22 29.42 2.94
N TYR A 238 -7.37 28.96 2.46
CA TYR A 238 -8.29 28.22 3.31
C TYR A 238 -8.36 26.71 2.99
N GLU A 239 -8.61 26.35 1.74
CA GLU A 239 -8.87 24.95 1.45
C GLU A 239 -7.73 23.96 1.71
N PRO A 240 -6.56 24.14 1.04
CA PRO A 240 -5.53 23.12 1.26
C PRO A 240 -5.13 23.04 2.74
N ALA A 241 -5.03 24.19 3.40
CA ALA A 241 -4.63 24.22 4.80
C ALA A 241 -5.63 23.47 5.68
N SER A 242 -6.91 23.65 5.36
CA SER A 242 -7.98 22.98 6.10
C SER A 242 -7.90 21.45 5.95
N ASN A 243 -7.79 20.97 4.72
CA ASN A 243 -7.57 19.56 4.47
C ASN A 243 -6.29 19.07 5.14
N GLN A 244 -5.22 19.84 5.00
CA GLN A 244 -3.93 19.43 5.53
C GLN A 244 -3.95 19.28 7.06
N LEU A 245 -4.60 20.21 7.74
CA LEU A 245 -4.58 20.19 9.19
C LEU A 245 -5.28 18.94 9.74
N GLY A 246 -6.41 18.58 9.13
CA GLY A 246 -7.14 17.42 9.57
C GLY A 246 -6.41 16.12 9.24
N SER A 247 -5.96 15.99 8.00
CA SER A 247 -5.27 14.77 7.57
C SER A 247 -3.97 14.57 8.37
N SER A 248 -3.30 15.67 8.68
CA SER A 248 -2.08 15.59 9.47
C SER A 248 -2.41 15.07 10.87
N VAL A 249 -3.49 15.57 11.47
CA VAL A 249 -3.90 15.11 12.79
C VAL A 249 -4.26 13.63 12.75
N LEU A 250 -5.04 13.23 11.75
CA LEU A 250 -5.40 11.84 11.56
C LEU A 250 -4.15 10.98 11.45
N THR A 251 -3.20 11.46 10.68
CA THR A 251 -1.97 10.71 10.44
C THR A 251 -1.24 10.42 11.75
N LEU A 252 -1.08 11.45 12.59
CA LEU A 252 -0.43 11.27 13.90
C LEU A 252 -1.16 10.23 14.75
N LEU A 253 -2.50 10.26 14.75
CA LEU A 253 -3.28 9.28 15.47
C LEU A 253 -3.13 7.87 14.91
N ARG A 254 -2.81 7.75 13.63
CA ARG A 254 -2.59 6.42 13.03
C ARG A 254 -1.18 5.89 13.32
N PHE A 255 -0.29 6.76 13.77
CA PHE A 255 1.06 6.38 14.16
C PHE A 255 1.34 6.81 15.60
N PRO A 256 0.66 6.16 16.56
CA PRO A 256 0.70 6.59 17.97
C PRO A 256 2.10 6.68 18.60
N ASP A 257 3.04 5.80 18.23
CA ASP A 257 4.43 5.96 18.71
C ASP A 257 5.06 7.27 18.26
N ARG A 258 4.78 7.68 17.02
CA ARG A 258 5.26 8.96 16.49
C ARG A 258 4.58 10.14 17.20
N LEU A 259 3.28 10.02 17.44
CA LEU A 259 2.52 11.00 18.21
C LEU A 259 3.17 11.19 19.59
N ALA A 260 3.38 10.10 20.31
CA ALA A 260 4.03 10.14 21.62
C ALA A 260 5.38 10.83 21.54
N GLU A 261 6.21 10.41 20.59
CA GLU A 261 7.52 11.01 20.36
C GLU A 261 7.40 12.53 20.19
N LEU A 262 6.41 12.97 19.42
CA LEU A 262 6.21 14.40 19.15
C LEU A 262 5.72 15.18 20.36
N ARG A 263 4.88 14.56 21.20
CA ARG A 263 4.38 15.23 22.39
C ARG A 263 5.47 15.37 23.44
N ARG A 264 6.39 14.41 23.47
CA ARG A 264 7.49 14.48 24.43
C ARG A 264 8.69 15.34 23.96
N ASP A 265 8.67 15.79 22.70
CA ASP A 265 9.69 16.70 22.18
C ASP A 265 9.11 17.67 21.15
N PRO A 266 8.53 18.78 21.63
CA PRO A 266 7.98 19.84 20.79
C PRO A 266 9.00 20.45 19.82
N GLY A 267 10.29 20.27 20.09
CA GLY A 267 11.32 20.70 19.16
C GLY A 267 11.21 20.01 17.81
N LEU A 268 10.53 18.87 17.80
CA LEU A 268 10.33 18.08 16.60
C LEU A 268 9.22 18.67 15.73
N LEU A 269 8.45 19.61 16.27
CA LEU A 269 7.26 20.12 15.57
C LEU A 269 7.50 20.63 14.14
N PRO A 270 8.49 21.53 13.93
CA PRO A 270 8.68 22.02 12.55
C PRO A 270 9.01 20.93 11.52
N SER A 271 9.91 20.03 11.87
CA SER A 271 10.24 18.96 10.93
C SER A 271 9.09 17.96 10.77
N ALA A 272 8.32 17.75 11.84
CA ALA A 272 7.20 16.79 11.80
C ALA A 272 6.10 17.31 10.87
N VAL A 273 5.98 18.63 10.79
CA VAL A 273 5.02 19.26 9.91
C VAL A 273 5.38 19.03 8.44
N GLU A 274 6.66 19.16 8.12
CA GLU A 274 7.16 18.84 6.78
C GLU A 274 6.88 17.39 6.41
N GLU A 275 7.16 16.47 7.34
CA GLU A 275 6.91 15.05 7.07
C GLU A 275 5.42 14.76 6.88
N LEU A 276 4.57 15.48 7.62
CA LEU A 276 3.13 15.26 7.54
C LEU A 276 2.58 15.70 6.20
N MET A 277 3.21 16.73 5.63
CA MET A 277 2.83 17.19 4.29
C MET A 277 3.33 16.21 3.22
N ARG A 278 4.49 15.59 3.47
CA ARG A 278 4.97 14.57 2.55
C ARG A 278 4.08 13.34 2.62
N TYR A 279 3.73 12.90 3.82
CA TYR A 279 2.94 11.68 3.97
C TYR A 279 1.50 11.87 3.53
N ALA A 280 0.86 12.96 3.95
CA ALA A 280 -0.56 13.14 3.71
C ALA A 280 -0.84 14.35 2.82
N PRO A 281 -1.25 14.10 1.56
CA PRO A 281 -1.58 15.17 0.63
C PRO A 281 -2.84 15.96 1.03
N ALA A 282 -2.90 17.22 0.61
CA ALA A 282 -4.06 18.07 0.88
C ALA A 282 -5.16 17.80 -0.13
N GLY A 283 -4.89 16.89 -1.06
CA GLY A 283 -5.84 16.53 -2.10
C GLY A 283 -5.17 15.52 -3.03
N ASP A 284 -5.97 14.88 -3.89
CA ASP A 284 -5.44 13.89 -4.83
C ASP A 284 -5.25 14.39 -6.25
N GLY A 285 -5.60 15.65 -6.49
CA GLY A 285 -5.44 16.22 -7.83
C GLY A 285 -3.98 16.49 -8.19
N ALA A 286 -3.59 16.12 -9.40
CA ALA A 286 -2.22 16.37 -9.83
C ALA A 286 -2.15 17.81 -10.35
N LEU A 287 -1.00 18.46 -10.21
CA LEU A 287 -0.85 19.85 -10.64
C LEU A 287 -0.80 19.95 -12.18
N PHE A 288 -1.41 21.01 -12.71
CA PHE A 288 -1.63 21.14 -14.15
C PHE A 288 -0.61 22.06 -14.87
N ARG A 289 -0.02 21.54 -15.95
CA ARG A 289 0.80 22.35 -16.86
C ARG A 289 0.39 22.14 -18.32
N VAL A 290 0.72 23.10 -19.18
CA VAL A 290 0.58 22.93 -20.63
C VAL A 290 1.90 23.30 -21.29
N THR A 291 2.38 22.49 -22.23
CA THR A 291 3.67 22.78 -22.90
C THR A 291 3.59 23.96 -23.88
N LEU A 292 4.57 24.87 -23.80
CA LEU A 292 4.65 26.00 -24.74
C LEU A 292 5.45 25.62 -25.98
N GLU A 293 6.26 24.58 -25.88
CA GLU A 293 7.00 24.08 -27.03
C GLU A 293 7.16 22.57 -26.89
N ASP A 294 7.81 21.95 -27.88
CA ASP A 294 8.09 20.52 -27.80
C ASP A 294 9.07 20.25 -26.67
N VAL A 295 8.76 19.24 -25.86
CA VAL A 295 9.65 18.84 -24.77
C VAL A 295 9.77 17.34 -24.76
N THR A 296 10.99 16.83 -24.55
CA THR A 296 11.20 15.40 -24.41
C THR A 296 11.53 15.00 -22.95
N ILE A 297 10.80 14.02 -22.42
CA ILE A 297 11.12 13.42 -21.13
C ILE A 297 11.40 11.93 -21.34
N GLY A 298 12.67 11.54 -21.27
CA GLY A 298 13.05 10.18 -21.56
C GLY A 298 12.71 9.75 -22.98
N ASP A 299 11.90 8.70 -23.11
CA ASP A 299 11.52 8.16 -24.41
C ASP A 299 10.26 8.84 -24.95
N THR A 300 9.72 9.77 -24.16
CA THR A 300 8.44 10.36 -24.53
C THR A 300 8.62 11.76 -25.08
N HIS A 301 8.15 11.94 -26.31
CA HIS A 301 8.21 13.22 -26.98
C HIS A 301 6.84 13.89 -26.85
N ILE A 302 6.81 14.98 -26.08
CA ILE A 302 5.56 15.69 -25.80
C ILE A 302 5.47 16.93 -26.69
N PRO A 303 4.50 16.92 -27.61
CA PRO A 303 4.26 18.04 -28.53
C PRO A 303 3.82 19.30 -27.81
N ALA A 304 4.15 20.45 -28.38
CA ALA A 304 3.66 21.74 -27.88
C ALA A 304 2.14 21.70 -27.70
N ASN A 305 1.63 22.52 -26.80
CA ASN A 305 0.19 22.60 -26.54
C ASN A 305 -0.43 21.32 -25.97
N SER A 306 0.38 20.45 -25.36
CA SER A 306 -0.12 19.26 -24.66
C SER A 306 -0.29 19.51 -23.15
N ALA A 307 -1.30 18.87 -22.55
CA ALA A 307 -1.47 18.94 -21.10
C ALA A 307 -0.55 17.92 -20.41
N VAL A 308 0.21 18.39 -19.41
CA VAL A 308 1.10 17.52 -18.63
C VAL A 308 0.80 17.74 -17.15
N LEU A 309 0.37 16.66 -16.48
CA LEU A 309 -0.03 16.75 -15.08
C LEU A 309 1.08 16.17 -14.22
N ALA A 310 1.26 16.75 -13.02
CA ALA A 310 2.34 16.34 -12.13
C ALA A 310 1.82 15.98 -10.74
N SER A 311 2.00 14.72 -10.35
CA SER A 311 1.45 14.23 -9.09
C SER A 311 2.42 14.42 -7.91
N THR A 312 2.22 15.50 -7.15
CA THR A 312 2.98 15.68 -5.90
C THR A 312 2.72 14.51 -4.94
N GLN A 313 1.53 13.92 -5.05
CA GLN A 313 1.19 12.78 -4.20
C GLN A 313 2.11 11.60 -4.50
N ALA A 314 2.23 11.25 -5.77
CA ALA A 314 3.09 10.13 -6.16
C ALA A 314 4.54 10.45 -5.84
N ALA A 315 4.97 11.66 -6.18
CA ALA A 315 6.35 12.07 -6.00
C ALA A 315 6.78 11.99 -4.54
N ASN A 316 5.88 12.36 -3.63
CA ASN A 316 6.24 12.38 -2.23
C ASN A 316 6.32 10.98 -1.63
N TRP A 317 5.82 10.00 -2.39
CA TRP A 317 5.95 8.61 -1.98
C TRP A 317 6.95 7.82 -2.84
N ASP A 318 7.77 8.56 -3.61
CA ASP A 318 8.72 7.95 -4.53
C ASP A 318 9.91 7.39 -3.80
N PRO A 319 10.02 6.05 -3.76
CA PRO A 319 11.10 5.37 -3.03
C PRO A 319 12.50 5.66 -3.60
N ARG A 320 12.54 6.19 -4.82
CA ARG A 320 13.80 6.66 -5.38
C ARG A 320 14.38 7.86 -4.63
N ARG A 321 13.52 8.59 -3.92
CA ARG A 321 13.90 9.84 -3.24
C ARG A 321 13.69 9.81 -1.73
N PHE A 322 12.75 8.99 -1.26
CA PHE A 322 12.49 8.91 0.18
C PHE A 322 12.51 7.45 0.65
N ASP A 323 13.29 7.17 1.70
CA ASP A 323 13.36 5.79 2.21
C ASP A 323 12.08 5.43 2.92
N ASP A 324 11.61 4.20 2.73
CA ASP A 324 10.41 3.73 3.40
C ASP A 324 9.28 4.76 3.34
N PRO A 325 8.89 5.15 2.12
CA PRO A 325 7.98 6.30 1.93
C PRO A 325 6.60 6.15 2.58
N THR A 326 6.15 4.91 2.79
CA THR A 326 4.86 4.69 3.46
C THR A 326 5.01 4.80 4.98
N GLY A 327 6.25 5.00 5.44
CA GLY A 327 6.50 5.16 6.86
C GLY A 327 6.47 6.63 7.27
N LEU A 328 6.55 6.87 8.58
CA LEU A 328 6.47 8.24 9.10
C LEU A 328 7.71 8.57 9.94
N ARG A 329 8.56 9.46 9.42
CA ARG A 329 9.78 9.89 10.12
C ARG A 329 9.70 11.38 10.45
N LEU A 330 9.47 11.69 11.72
CA LEU A 330 9.27 13.07 12.15
C LEU A 330 10.46 14.00 11.93
N ASP A 331 11.68 13.48 11.93
CA ASP A 331 12.85 14.30 11.61
C ASP A 331 13.59 13.74 10.40
N ARG A 332 12.81 13.39 9.38
CA ARG A 332 13.37 12.87 8.14
C ARG A 332 14.33 13.87 7.50
N PRO A 333 15.58 13.47 7.33
CA PRO A 333 16.61 14.34 6.74
C PRO A 333 16.39 14.50 5.24
N ASP A 334 16.83 15.65 4.70
CA ASP A 334 16.66 15.95 3.27
C ASP A 334 15.21 15.82 2.82
N ASN A 335 14.28 16.39 3.60
CA ASN A 335 12.86 16.23 3.29
C ASN A 335 12.30 17.30 2.34
N GLN A 336 12.85 17.39 1.13
CA GLN A 336 12.39 18.36 0.15
C GLN A 336 11.25 17.80 -0.69
N HIS A 337 10.13 17.57 -0.01
CA HIS A 337 8.88 17.14 -0.63
C HIS A 337 8.33 18.22 -1.57
N THR A 338 7.30 17.84 -2.33
CA THR A 338 6.73 18.70 -3.36
C THR A 338 5.33 19.20 -3.02
N ALA A 339 4.88 18.94 -1.80
CA ALA A 339 3.50 19.27 -1.39
C ALA A 339 3.22 20.76 -1.49
N LEU A 340 4.27 21.56 -1.39
CA LEU A 340 4.11 23.00 -1.51
C LEU A 340 4.51 23.52 -2.88
N GLY A 341 4.73 22.61 -3.84
CA GLY A 341 5.15 23.01 -5.18
C GLY A 341 6.67 23.18 -5.34
N HIS A 342 7.08 23.74 -6.48
CA HIS A 342 8.51 23.89 -6.81
C HIS A 342 8.71 24.91 -7.94
N GLY A 343 9.70 25.79 -7.79
CA GLY A 343 9.94 26.82 -8.79
C GLY A 343 9.22 28.14 -8.54
N ILE A 344 8.97 28.88 -9.61
CA ILE A 344 8.44 30.24 -9.48
C ILE A 344 7.03 30.29 -8.87
N HIS A 345 6.25 29.24 -9.05
CA HIS A 345 4.91 29.21 -8.45
C HIS A 345 4.86 28.56 -7.06
N PHE A 346 6.02 28.26 -6.48
CA PHE A 346 6.13 27.68 -5.14
C PHE A 346 5.20 28.44 -4.18
N CYS A 347 4.42 27.69 -3.42
CA CYS A 347 3.37 28.22 -2.54
C CYS A 347 3.73 29.51 -1.81
N LEU A 348 2.96 30.56 -2.12
CA LEU A 348 3.09 31.87 -1.51
C LEU A 348 2.94 31.80 0.00
N GLY A 349 2.12 30.84 0.47
CA GLY A 349 1.82 30.72 1.88
C GLY A 349 2.58 29.62 2.58
N ALA A 350 3.77 29.26 2.07
CA ALA A 350 4.57 28.17 2.65
C ALA A 350 4.83 28.37 4.14
N ALA A 351 5.38 29.53 4.48
CA ALA A 351 5.66 29.89 5.87
C ALA A 351 4.36 29.91 6.68
N LEU A 352 3.32 30.55 6.14
CA LEU A 352 2.01 30.58 6.79
C LEU A 352 1.47 29.16 7.06
N ALA A 353 1.54 28.29 6.05
CA ALA A 353 1.03 26.93 6.22
C ALA A 353 1.82 26.20 7.32
N ARG A 354 3.15 26.38 7.29
CA ARG A 354 4.02 25.73 8.26
C ARG A 354 3.66 26.17 9.68
N VAL A 355 3.52 27.47 9.85
CA VAL A 355 3.27 28.01 11.18
C VAL A 355 1.88 27.58 11.66
N GLU A 356 0.90 27.61 10.75
CA GLU A 356 -0.46 27.19 11.08
C GLU A 356 -0.46 25.76 11.60
N LEU A 357 0.12 24.84 10.82
CA LEU A 357 0.23 23.43 11.22
C LEU A 357 0.96 23.25 12.57
N GLN A 358 2.11 23.89 12.72
CA GLN A 358 2.87 23.83 13.98
C GLN A 358 2.07 24.29 15.19
N VAL A 359 1.38 25.42 15.04
CA VAL A 359 0.59 26.01 16.14
C VAL A 359 -0.61 25.14 16.51
N ALA A 360 -1.43 24.80 15.52
CA ALA A 360 -2.63 24.01 15.76
C ALA A 360 -2.30 22.63 16.34
N ILE A 361 -1.35 21.93 15.71
CA ILE A 361 -0.96 20.59 16.19
C ILE A 361 -0.33 20.65 17.58
N GLY A 362 0.61 21.57 17.79
CA GLY A 362 1.24 21.72 19.09
C GLY A 362 0.23 21.99 20.19
N ALA A 363 -0.70 22.90 19.92
CA ALA A 363 -1.74 23.24 20.88
C ALA A 363 -2.67 22.05 21.19
N LEU A 364 -3.10 21.38 20.12
CA LEU A 364 -3.96 20.21 20.22
C LEU A 364 -3.33 19.17 21.13
N LEU A 365 -2.03 18.92 20.91
CA LEU A 365 -1.29 17.93 21.69
C LEU A 365 -1.12 18.35 23.15
N ARG A 366 -0.86 19.63 23.41
CA ARG A 366 -0.76 20.13 24.79
C ARG A 366 -2.07 19.93 25.56
N ARG A 367 -3.18 20.31 24.94
CA ARG A 367 -4.50 20.21 25.57
C ARG A 367 -4.92 18.78 25.89
N PHE A 368 -4.65 17.85 24.98
CA PHE A 368 -5.23 16.50 25.08
C PHE A 368 -4.19 15.39 25.10
N PRO A 369 -3.54 15.16 26.26
CA PRO A 369 -2.50 14.14 26.38
C PRO A 369 -3.00 12.71 26.13
N ARG A 370 -4.31 12.52 26.10
CA ARG A 370 -4.88 11.20 25.84
C ARG A 370 -5.80 11.23 24.63
N LEU A 371 -5.55 12.19 23.73
CA LEU A 371 -6.24 12.27 22.46
C LEU A 371 -6.21 10.93 21.73
N ALA A 372 -7.35 10.56 21.15
CA ALA A 372 -7.46 9.30 20.44
C ALA A 372 -8.58 9.37 19.42
N LEU A 373 -8.47 8.60 18.33
CA LEU A 373 -9.58 8.42 17.40
C LEU A 373 -10.76 7.77 18.10
N ALA A 374 -11.92 8.42 18.09
CA ALA A 374 -13.11 7.91 18.76
C ALA A 374 -13.72 6.75 18.00
N THR A 375 -13.24 6.52 16.78
CA THR A 375 -13.76 5.46 15.94
C THR A 375 -12.67 4.52 15.47
N ASP A 376 -13.06 3.55 14.66
CA ASP A 376 -12.10 2.68 14.01
C ASP A 376 -11.84 3.22 12.61
N GLU A 377 -10.58 3.11 12.18
CA GLU A 377 -10.14 3.61 10.88
C GLU A 377 -11.08 3.23 9.74
N SER A 378 -11.58 2.00 9.76
CA SER A 378 -12.49 1.51 8.73
C SER A 378 -13.75 2.36 8.57
N GLY A 379 -14.05 3.20 9.57
CA GLY A 379 -15.21 4.08 9.49
C GLY A 379 -14.99 5.36 8.71
N LEU A 380 -13.71 5.73 8.51
CA LEU A 380 -13.37 6.97 7.81
C LEU A 380 -13.79 6.97 6.34
N ARG A 381 -14.09 8.14 5.79
CA ARG A 381 -14.45 8.27 4.38
C ARG A 381 -13.76 9.45 3.69
N TRP A 382 -13.38 9.26 2.42
CA TRP A 382 -12.71 10.28 1.62
C TRP A 382 -13.75 11.15 0.88
N SER A 383 -13.79 12.44 1.23
CA SER A 383 -14.91 13.33 0.87
C SER A 383 -15.14 13.69 -0.60
N SER A 384 -14.08 14.10 -1.31
CA SER A 384 -14.25 14.60 -2.68
C SER A 384 -13.37 13.90 -3.71
N PRO A 385 -13.76 12.69 -4.10
CA PRO A 385 -12.94 11.87 -5.00
C PRO A 385 -12.66 12.50 -6.37
N GLY A 386 -13.55 13.35 -6.86
CA GLY A 386 -13.38 13.90 -8.18
C GLY A 386 -12.82 15.32 -8.22
N SER A 387 -12.48 15.86 -7.05
CA SER A 387 -12.01 17.23 -6.94
C SER A 387 -10.49 17.31 -6.78
N MET A 388 -9.93 18.48 -7.07
CA MET A 388 -8.50 18.72 -6.93
C MET A 388 -8.08 18.58 -5.46
N LEU A 389 -8.87 19.21 -4.58
CA LEU A 389 -8.62 19.19 -3.14
C LEU A 389 -9.62 18.28 -2.44
N SER A 390 -9.17 17.64 -1.35
CA SER A 390 -10.06 16.77 -0.57
C SER A 390 -9.53 16.44 0.82
N GLY A 391 -10.46 16.37 1.78
CA GLY A 391 -10.16 15.85 3.10
C GLY A 391 -11.11 14.71 3.45
N PHE A 392 -11.15 14.39 4.74
CA PHE A 392 -12.03 13.35 5.22
C PHE A 392 -13.38 13.95 5.63
N ALA A 393 -14.43 13.14 5.58
CA ALA A 393 -15.76 13.62 5.98
C ALA A 393 -15.73 14.08 7.44
N GLU A 394 -15.24 13.22 8.32
CA GLU A 394 -15.10 13.56 9.72
C GLU A 394 -13.92 12.83 10.37
N ILE A 395 -13.42 13.39 11.45
CA ILE A 395 -12.32 12.78 12.21
C ILE A 395 -12.66 12.87 13.69
N PRO A 396 -13.53 11.96 14.16
CA PRO A 396 -14.02 11.94 15.55
C PRO A 396 -12.90 11.62 16.50
N VAL A 397 -12.71 12.44 17.52
CA VAL A 397 -11.68 12.17 18.50
C VAL A 397 -12.26 12.23 19.90
N THR A 398 -11.52 11.67 20.84
CA THR A 398 -11.89 11.74 22.24
C THR A 398 -10.64 12.04 23.04
N TRP A 399 -10.81 12.34 24.31
CA TRP A 399 -9.69 12.62 25.17
C TRP A 399 -10.04 12.32 26.61
N ALA B 6 31.80 1.99 1.79
CA ALA B 6 32.30 1.92 0.42
C ALA B 6 31.46 1.00 -0.45
N SER B 7 30.36 0.49 0.10
CA SER B 7 29.40 -0.33 -0.67
C SER B 7 27.98 0.24 -0.55
N ALA B 8 27.11 -0.16 -1.49
CA ALA B 8 25.67 0.15 -1.41
C ALA B 8 25.02 -0.36 -0.11
N THR B 9 23.91 0.25 0.28
CA THR B 9 23.14 -0.21 1.45
C THR B 9 22.82 -1.71 1.38
N ARG B 10 23.12 -2.44 2.46
CA ARG B 10 22.76 -3.86 2.57
C ARG B 10 21.57 -4.01 3.52
N HIS B 11 20.53 -4.70 3.06
CA HIS B 11 19.28 -4.77 3.81
C HIS B 11 19.15 -6.02 4.68
N PRO B 12 18.82 -5.83 5.97
CA PRO B 12 18.52 -6.93 6.89
C PRO B 12 17.37 -7.80 6.33
N TYR B 13 17.60 -9.10 6.20
CA TYR B 13 16.56 -10.04 5.76
C TYR B 13 16.40 -11.07 6.87
N PRO B 14 15.16 -11.51 7.13
CA PRO B 14 13.90 -11.24 6.42
C PRO B 14 13.24 -9.90 6.77
N PHE B 15 12.11 -9.61 6.14
CA PHE B 15 11.48 -8.29 6.17
C PHE B 15 10.23 -8.26 7.05
N ASP B 16 9.89 -7.08 7.56
CA ASP B 16 8.82 -6.93 8.53
C ASP B 16 7.58 -6.33 7.90
N ARG B 17 6.42 -6.84 8.28
CA ARG B 17 5.18 -6.17 7.89
C ARG B 17 5.00 -4.94 8.75
N ALA B 18 4.34 -3.93 8.18
CA ALA B 18 4.00 -2.73 8.92
C ALA B 18 2.56 -2.89 9.38
N VAL B 19 1.69 -3.24 8.43
CA VAL B 19 0.29 -3.51 8.70
C VAL B 19 0.05 -4.97 8.32
N PRO B 20 -0.57 -5.74 9.23
CA PRO B 20 -0.63 -7.21 9.09
C PRO B 20 -1.27 -7.71 7.80
N THR B 21 -2.10 -6.90 7.14
CA THR B 21 -2.82 -7.35 5.96
C THR B 21 -2.04 -7.13 4.67
N ALA B 22 -0.87 -6.50 4.79
CA ALA B 22 -0.09 -6.18 3.60
C ALA B 22 1.34 -6.76 3.66
N ILE B 23 1.83 -7.23 2.52
CA ILE B 23 3.18 -7.78 2.45
C ILE B 23 4.23 -6.72 2.85
N PRO B 24 5.41 -7.17 3.32
CA PRO B 24 6.44 -6.23 3.79
C PRO B 24 6.75 -5.14 2.77
N PRO B 25 6.67 -3.86 3.17
CA PRO B 25 6.77 -2.78 2.18
C PRO B 25 8.14 -2.67 1.55
N LEU B 26 9.15 -3.17 2.25
CA LEU B 26 10.51 -3.18 1.74
C LEU B 26 10.64 -3.96 0.42
N TYR B 27 9.83 -5.00 0.25
CA TYR B 27 9.80 -5.74 -1.00
C TYR B 27 9.37 -4.84 -2.17
N GLU B 28 8.38 -3.99 -1.92
CA GLU B 28 7.86 -3.15 -3.00
C GLU B 28 8.79 -1.98 -3.30
N GLU B 29 9.36 -1.43 -2.24
CA GLU B 29 10.31 -0.35 -2.36
C GLU B 29 11.51 -0.81 -3.19
N LEU B 30 12.05 -1.98 -2.83
CA LEU B 30 13.16 -2.56 -3.57
C LEU B 30 12.78 -2.88 -5.02
N ARG B 31 11.61 -3.48 -5.22
CA ARG B 31 11.18 -3.81 -6.58
C ARG B 31 11.12 -2.58 -7.47
N GLU B 32 10.82 -1.43 -6.86
CA GLU B 32 10.78 -0.21 -7.64
C GLU B 32 12.16 0.44 -7.82
N THR B 33 13.09 0.19 -6.89
CA THR B 33 14.36 0.92 -6.89
C THR B 33 15.64 0.11 -7.17
N GLU B 34 15.68 -1.16 -6.73
CA GLU B 34 16.88 -1.99 -6.91
C GLU B 34 16.55 -3.34 -7.52
N ARG B 35 16.98 -3.58 -8.75
CA ARG B 35 16.68 -4.81 -9.46
C ARG B 35 17.26 -6.04 -8.72
N VAL B 36 18.52 -5.93 -8.33
CA VAL B 36 19.17 -6.94 -7.52
C VAL B 36 19.67 -6.26 -6.27
N ALA B 37 19.06 -6.58 -5.13
CA ALA B 37 19.37 -5.90 -3.88
C ALA B 37 20.33 -6.73 -3.02
N ALA B 38 21.20 -6.07 -2.28
CA ALA B 38 22.13 -6.75 -1.39
C ALA B 38 21.46 -6.91 -0.02
N ILE B 39 21.57 -8.10 0.58
CA ILE B 39 20.93 -8.37 1.86
C ILE B 39 21.88 -9.05 2.84
N THR B 40 21.50 -9.01 4.12
CA THR B 40 22.12 -9.83 5.15
C THR B 40 21.06 -10.79 5.68
N MET B 41 21.32 -12.09 5.55
CA MET B 41 20.36 -13.08 5.99
C MET B 41 20.46 -13.28 7.51
N ALA B 42 19.52 -14.04 8.07
CA ALA B 42 19.46 -14.25 9.52
C ALA B 42 20.73 -14.88 10.13
N THR B 43 21.52 -15.53 9.29
CA THR B 43 22.77 -16.11 9.75
C THR B 43 23.88 -15.08 9.80
N GLY B 44 23.61 -13.90 9.23
CA GLY B 44 24.65 -12.89 9.08
C GLY B 44 25.37 -13.04 7.74
N ASP B 45 25.05 -14.07 6.96
CA ASP B 45 25.67 -14.27 5.65
C ASP B 45 25.07 -13.35 4.58
N PRO B 46 25.90 -12.91 3.62
CA PRO B 46 25.46 -11.96 2.60
C PRO B 46 24.69 -12.64 1.49
N GLY B 47 23.72 -11.93 0.89
CA GLY B 47 22.98 -12.48 -0.23
C GLY B 47 22.46 -11.44 -1.20
N PHE B 48 21.81 -11.90 -2.26
CA PHE B 48 21.17 -11.05 -3.24
C PHE B 48 19.68 -11.33 -3.25
N LEU B 49 18.90 -10.34 -3.67
CA LEU B 49 17.45 -10.44 -3.67
C LEU B 49 16.84 -9.85 -4.94
N VAL B 50 16.16 -10.69 -5.71
CA VAL B 50 15.38 -10.21 -6.85
C VAL B 50 13.91 -10.15 -6.45
N THR B 51 13.19 -9.18 -6.99
CA THR B 51 11.82 -8.92 -6.60
C THR B 51 10.89 -8.71 -7.79
N ARG B 52 11.47 -8.40 -8.95
CA ARG B 52 10.67 -8.19 -10.15
C ARG B 52 10.25 -9.52 -10.80
N TYR B 53 9.02 -9.55 -11.31
CA TYR B 53 8.42 -10.77 -11.83
C TYR B 53 9.34 -11.60 -12.76
N GLU B 54 9.90 -10.96 -13.79
CA GLU B 54 10.70 -11.71 -14.75
C GLU B 54 12.04 -12.20 -14.19
N ASP B 55 12.63 -11.41 -13.29
CA ASP B 55 13.82 -11.87 -12.57
C ASP B 55 13.53 -13.01 -11.63
N VAL B 56 12.38 -12.99 -10.97
CA VAL B 56 12.03 -14.03 -10.03
C VAL B 56 11.80 -15.33 -10.77
N ARG B 57 11.02 -15.26 -11.84
CA ARG B 57 10.86 -16.41 -12.72
C ARG B 57 12.22 -16.97 -13.21
N PHE B 58 13.11 -16.05 -13.58
CA PHE B 58 14.44 -16.42 -14.07
C PHE B 58 15.25 -17.17 -13.03
N VAL B 59 15.43 -16.57 -11.86
CA VAL B 59 16.16 -17.20 -10.76
C VAL B 59 15.57 -18.54 -10.34
N LEU B 60 14.24 -18.60 -10.23
CA LEU B 60 13.55 -19.82 -9.87
C LEU B 60 13.74 -20.96 -10.88
N SER B 61 13.86 -20.64 -12.17
CA SER B 61 13.87 -21.71 -13.19
C SER B 61 15.23 -22.04 -13.83
N ASP B 62 16.11 -21.05 -13.93
CA ASP B 62 17.37 -21.20 -14.65
C ASP B 62 18.32 -22.22 -13.99
N PRO B 63 18.88 -23.14 -14.81
CA PRO B 63 19.72 -24.24 -14.30
C PRO B 63 21.04 -23.78 -13.70
N ARG B 64 21.42 -22.52 -13.91
CA ARG B 64 22.59 -21.98 -13.20
C ARG B 64 22.30 -21.69 -11.73
N PHE B 65 21.04 -21.88 -11.33
CA PHE B 65 20.62 -21.61 -9.96
C PHE B 65 20.25 -22.91 -9.20
N SER B 66 21.09 -23.29 -8.24
CA SER B 66 20.88 -24.50 -7.44
C SER B 66 19.87 -24.29 -6.31
N VAL B 67 19.12 -25.33 -5.95
CA VAL B 67 18.27 -25.27 -4.76
C VAL B 67 18.99 -25.82 -3.52
N ARG B 68 20.18 -26.36 -3.73
CA ARG B 68 20.89 -27.06 -2.65
C ARG B 68 21.35 -26.10 -1.56
N GLN B 69 21.11 -26.47 -0.31
CA GLN B 69 21.45 -25.62 0.81
C GLN B 69 22.65 -26.16 1.58
N ASP B 70 23.35 -27.10 0.95
CA ASP B 70 24.48 -27.78 1.58
C ASP B 70 25.78 -27.54 0.82
N LEU B 71 25.73 -26.67 -0.17
CA LEU B 71 26.93 -26.37 -0.97
C LEU B 71 28.03 -25.84 -0.05
N PRO B 72 29.26 -26.37 -0.22
CA PRO B 72 30.44 -25.99 0.58
C PRO B 72 30.84 -24.54 0.38
N GLY B 73 30.97 -23.82 1.50
CA GLY B 73 31.37 -22.41 1.45
C GLY B 73 30.24 -21.45 1.17
N ALA B 74 29.10 -21.97 0.72
CA ALA B 74 27.96 -21.14 0.31
C ALA B 74 27.31 -20.45 1.51
N PRO B 75 26.74 -19.25 1.27
CA PRO B 75 26.01 -18.52 2.31
C PRO B 75 24.78 -19.29 2.80
N ARG B 76 24.47 -19.17 4.09
CA ARG B 76 23.35 -19.91 4.65
C ARG B 76 22.11 -19.03 4.88
N LEU B 77 20.96 -19.56 4.48
CA LEU B 77 19.69 -18.89 4.74
C LEU B 77 19.32 -18.98 6.22
N THR B 78 19.36 -20.18 6.77
CA THR B 78 19.17 -20.41 8.20
C THR B 78 20.14 -21.49 8.62
N GLU B 79 20.16 -21.81 9.90
CA GLU B 79 21.02 -22.87 10.40
C GLU B 79 20.20 -24.12 10.71
N MET B 80 18.91 -23.92 10.93
CA MET B 80 17.99 -25.04 11.09
C MET B 80 17.57 -25.61 9.74
N THR B 81 18.23 -26.69 9.34
CA THR B 81 17.90 -27.36 8.09
C THR B 81 17.51 -28.80 8.31
N PHE B 82 16.73 -29.34 7.37
CA PHE B 82 16.44 -30.75 7.37
C PHE B 82 16.78 -31.33 6.01
N GLU B 83 17.06 -32.64 6.00
CA GLU B 83 17.42 -33.31 4.78
C GLU B 83 16.19 -33.48 3.93
N SER B 84 16.13 -32.72 2.84
CA SER B 84 15.05 -32.89 1.89
C SER B 84 15.64 -33.44 0.61
N VAL B 85 15.71 -34.77 0.54
CA VAL B 85 16.37 -35.48 -0.56
C VAL B 85 15.92 -34.99 -1.96
N MET B 86 14.78 -34.30 -2.03
CA MET B 86 14.27 -33.77 -3.30
C MET B 86 14.58 -32.29 -3.52
N THR B 87 15.07 -31.62 -2.49
CA THR B 87 15.64 -30.29 -2.69
C THR B 87 17.12 -30.46 -3.10
N THR B 88 17.29 -31.03 -4.28
CA THR B 88 18.58 -31.21 -4.91
C THR B 88 18.43 -30.83 -6.37
N ASP B 89 19.55 -30.81 -7.09
CA ASP B 89 19.55 -30.50 -8.51
C ASP B 89 19.54 -31.80 -9.31
N PRO B 90 19.28 -31.71 -10.63
CA PRO B 90 19.37 -32.91 -11.46
C PRO B 90 20.77 -33.54 -11.39
N PRO B 91 20.91 -34.85 -11.69
CA PRO B 91 19.87 -35.77 -12.18
C PRO B 91 19.02 -36.44 -11.10
N VAL B 92 19.50 -36.52 -9.86
CA VAL B 92 18.71 -37.15 -8.78
C VAL B 92 17.31 -36.56 -8.63
N HIS B 93 17.24 -35.23 -8.63
CA HIS B 93 15.96 -34.54 -8.58
C HIS B 93 14.99 -35.07 -9.63
N THR B 94 15.45 -35.15 -10.87
CA THR B 94 14.65 -35.67 -11.98
C THR B 94 14.09 -37.05 -11.68
N ARG B 95 14.92 -37.89 -11.06
CA ARG B 95 14.57 -39.27 -10.75
C ARG B 95 13.43 -39.32 -9.72
N LEU B 96 13.63 -38.61 -8.60
CA LEU B 96 12.61 -38.58 -7.54
C LEU B 96 11.29 -37.95 -8.00
N ARG B 97 11.42 -36.87 -8.76
CA ARG B 97 10.28 -36.15 -9.30
C ARG B 97 9.49 -37.06 -10.23
N ARG B 98 10.21 -37.83 -11.05
CA ARG B 98 9.59 -38.78 -11.97
C ARG B 98 8.89 -39.89 -11.21
N LEU B 99 9.51 -40.28 -10.09
CA LEU B 99 8.96 -41.29 -9.20
C LEU B 99 7.61 -40.88 -8.64
N LEU B 100 7.47 -39.59 -8.32
CA LEU B 100 6.20 -39.13 -7.75
C LEU B 100 5.19 -38.55 -8.74
N SER B 101 5.62 -38.29 -9.97
CA SER B 101 4.84 -37.50 -10.93
C SER B 101 3.38 -37.95 -11.16
N ARG B 102 3.18 -39.24 -11.41
CA ARG B 102 1.88 -39.76 -11.80
C ARG B 102 0.85 -39.73 -10.69
N ASP B 103 1.31 -39.57 -9.46
CA ASP B 103 0.40 -39.51 -8.32
C ASP B 103 -0.17 -38.11 -8.12
N PHE B 104 0.34 -37.15 -8.88
CA PHE B 104 -0.04 -35.76 -8.65
C PHE B 104 -0.58 -34.99 -9.87
N THR B 105 -0.94 -35.73 -10.91
CA THR B 105 -1.57 -35.14 -12.10
C THR B 105 -2.94 -34.60 -11.72
N ALA B 106 -3.42 -33.62 -12.47
CA ALA B 106 -4.74 -33.04 -12.21
C ALA B 106 -5.87 -34.08 -12.25
N ARG B 107 -5.73 -35.12 -13.07
CA ARG B 107 -6.77 -36.15 -13.15
C ARG B 107 -6.81 -37.06 -11.94
N ARG B 108 -5.66 -37.61 -11.60
CA ARG B 108 -5.50 -38.39 -10.39
C ARG B 108 -6.06 -37.63 -9.17
N ILE B 109 -5.60 -36.40 -8.99
CA ILE B 109 -6.07 -35.54 -7.91
C ILE B 109 -7.58 -35.30 -8.01
N GLU B 110 -8.09 -35.18 -9.23
CA GLU B 110 -9.51 -34.96 -9.45
C GLU B 110 -10.34 -36.11 -8.90
N ARG B 111 -9.78 -37.32 -8.95
CA ARG B 111 -10.43 -38.49 -8.32
C ARG B 111 -10.72 -38.29 -6.82
N MET B 112 -9.91 -37.46 -6.15
CA MET B 112 -10.05 -37.23 -4.70
C MET B 112 -11.13 -36.21 -4.32
N ARG B 113 -11.73 -35.56 -5.32
CA ARG B 113 -12.66 -34.46 -5.05
C ARG B 113 -13.85 -34.80 -4.14
N PRO B 114 -14.57 -35.92 -4.40
CA PRO B 114 -15.71 -36.22 -3.53
C PRO B 114 -15.31 -36.41 -2.06
N ARG B 115 -14.16 -37.04 -1.83
CA ARG B 115 -13.67 -37.24 -0.48
C ARG B 115 -13.33 -35.92 0.24
N LEU B 116 -12.86 -34.94 -0.54
CA LEU B 116 -12.51 -33.62 0.00
C LEU B 116 -13.77 -32.83 0.31
N GLU B 117 -14.74 -32.90 -0.62
CA GLU B 117 -16.06 -32.33 -0.40
C GLU B 117 -16.64 -32.84 0.92
N GLU B 118 -16.33 -34.09 1.24
CA GLU B 118 -16.83 -34.74 2.43
C GLU B 118 -16.20 -34.18 3.70
N ILE B 119 -14.87 -34.21 3.75
CA ILE B 119 -14.13 -33.64 4.87
C ILE B 119 -14.56 -32.19 5.11
N ALA B 120 -14.73 -31.44 4.03
CA ALA B 120 -15.10 -30.02 4.14
C ALA B 120 -16.46 -29.81 4.80
N GLU B 121 -17.48 -30.55 4.36
CA GLU B 121 -18.83 -30.43 4.90
C GLU B 121 -18.88 -30.79 6.38
N GLY B 122 -18.17 -31.85 6.75
CA GLY B 122 -18.06 -32.24 8.15
C GLY B 122 -17.49 -31.14 9.04
N LEU B 123 -16.42 -30.49 8.58
CA LEU B 123 -15.79 -29.43 9.37
C LEU B 123 -16.72 -28.24 9.54
N LEU B 124 -17.50 -27.96 8.49
CA LEU B 124 -18.52 -26.92 8.52
C LEU B 124 -19.66 -27.28 9.49
N ASP B 125 -20.12 -28.53 9.46
CA ASP B 125 -21.05 -29.05 10.46
C ASP B 125 -20.58 -28.72 11.88
N GLU B 126 -19.32 -29.00 12.18
CA GLU B 126 -18.76 -28.74 13.51
C GLU B 126 -18.71 -27.24 13.89
N MET B 127 -18.53 -26.37 12.90
CA MET B 127 -18.60 -24.92 13.12
C MET B 127 -20.02 -24.49 13.49
N GLU B 128 -20.97 -24.85 12.64
CA GLU B 128 -22.38 -24.55 12.83
C GLU B 128 -22.89 -25.06 14.18
N LYS B 129 -22.28 -26.12 14.68
CA LYS B 129 -22.64 -26.72 15.95
C LYS B 129 -22.17 -25.88 17.12
N LYS B 130 -20.86 -25.64 17.21
CA LYS B 130 -20.27 -24.88 18.31
C LYS B 130 -20.82 -23.46 18.35
N GLY B 131 -21.34 -22.98 17.22
CA GLY B 131 -21.94 -21.66 17.11
C GLY B 131 -20.99 -20.49 16.86
N ALA B 132 -21.50 -19.47 16.16
CA ALA B 132 -20.74 -18.24 15.92
C ALA B 132 -20.42 -17.51 17.23
N PRO B 133 -19.23 -16.91 17.30
CA PRO B 133 -18.24 -16.87 16.21
C PRO B 133 -17.29 -18.06 16.22
N ALA B 134 -16.71 -18.36 15.06
CA ALA B 134 -15.71 -19.41 14.93
C ALA B 134 -14.40 -18.87 14.37
N ASP B 135 -13.31 -19.55 14.70
CA ASP B 135 -12.01 -19.21 14.13
C ASP B 135 -11.76 -20.08 12.91
N ILE B 136 -11.66 -19.45 11.74
CA ILE B 136 -11.44 -20.16 10.49
C ILE B 136 -10.15 -20.99 10.53
N VAL B 137 -9.13 -20.46 11.19
CA VAL B 137 -7.85 -21.17 11.31
C VAL B 137 -8.00 -22.57 11.92
N GLU B 138 -8.56 -22.65 13.14
CA GLU B 138 -8.66 -23.93 13.83
C GLU B 138 -9.84 -24.77 13.38
N SER B 139 -10.88 -24.12 12.86
CA SER B 139 -12.10 -24.82 12.46
C SER B 139 -12.04 -25.38 11.05
N LEU B 140 -11.21 -24.78 10.19
CA LEU B 140 -11.18 -25.17 8.78
C LEU B 140 -9.77 -25.16 8.18
N ALA B 141 -9.10 -24.02 8.26
CA ALA B 141 -7.83 -23.81 7.56
C ALA B 141 -6.75 -24.80 7.98
N VAL B 142 -6.69 -25.12 9.27
CA VAL B 142 -5.78 -26.18 9.71
C VAL B 142 -6.29 -27.62 9.43
N PRO B 143 -7.43 -28.02 10.03
CA PRO B 143 -7.78 -29.46 9.95
C PRO B 143 -8.04 -30.00 8.54
N PHE B 144 -8.47 -29.15 7.62
CA PHE B 144 -8.81 -29.64 6.28
C PHE B 144 -7.58 -30.16 5.50
N PRO B 145 -6.57 -29.30 5.23
CA PRO B 145 -5.45 -29.85 4.48
C PRO B 145 -4.64 -30.86 5.30
N ILE B 146 -4.65 -30.77 6.62
CA ILE B 146 -3.89 -31.72 7.43
C ILE B 146 -4.50 -33.13 7.37
N THR B 147 -5.83 -33.20 7.35
CA THR B 147 -6.52 -34.47 7.19
C THR B 147 -6.22 -35.04 5.80
N VAL B 148 -6.32 -34.19 4.78
CA VAL B 148 -6.12 -34.62 3.41
C VAL B 148 -4.73 -35.23 3.18
N ILE B 149 -3.69 -34.54 3.62
CA ILE B 149 -2.32 -35.00 3.36
C ILE B 149 -1.98 -36.24 4.18
N CYS B 150 -2.59 -36.35 5.36
CA CYS B 150 -2.36 -37.50 6.23
C CYS B 150 -3.08 -38.76 5.75
N GLU B 151 -4.29 -38.59 5.21
CA GLU B 151 -5.03 -39.70 4.59
C GLU B 151 -4.26 -40.18 3.37
N LEU B 152 -3.67 -39.24 2.64
CA LEU B 152 -2.96 -39.53 1.40
C LEU B 152 -1.68 -40.34 1.63
N LEU B 153 -0.97 -40.02 2.71
CA LEU B 153 0.31 -40.67 2.98
C LEU B 153 0.24 -41.81 3.97
N GLY B 154 -0.98 -42.10 4.46
CA GLY B 154 -1.16 -43.19 5.40
C GLY B 154 -0.65 -42.88 6.80
N VAL B 155 -0.72 -41.63 7.20
CA VAL B 155 -0.47 -41.31 8.60
C VAL B 155 -1.76 -41.61 9.38
N PRO B 156 -1.66 -42.51 10.38
CA PRO B 156 -2.85 -42.90 11.14
C PRO B 156 -3.47 -41.68 11.80
N MET B 157 -4.79 -41.51 11.72
CA MET B 157 -5.47 -40.36 12.31
C MET B 157 -5.10 -40.07 13.77
N VAL B 158 -4.66 -41.10 14.48
CA VAL B 158 -4.29 -41.01 15.89
C VAL B 158 -3.10 -40.12 16.11
N ASP B 159 -2.24 -40.04 15.08
CA ASP B 159 -0.95 -39.35 15.19
C ASP B 159 -0.96 -37.91 14.63
N VAL B 160 -2.10 -37.50 14.08
CA VAL B 160 -2.22 -36.17 13.44
C VAL B 160 -1.86 -34.98 14.33
N ALA B 161 -2.19 -35.05 15.61
CA ALA B 161 -1.86 -33.95 16.54
C ALA B 161 -0.35 -33.88 16.84
N ARG B 162 0.27 -35.04 17.07
CA ARG B 162 1.72 -35.11 17.23
C ARG B 162 2.44 -34.55 16.01
N PHE B 163 2.05 -35.02 14.83
CA PHE B 163 2.60 -34.51 13.59
C PHE B 163 2.41 -32.99 13.50
N ARG B 164 1.20 -32.52 13.80
CA ARG B 164 0.88 -31.09 13.78
C ARG B 164 1.89 -30.32 14.63
N GLY B 165 2.15 -30.82 15.83
CA GLY B 165 3.04 -30.14 16.76
C GLY B 165 4.45 -30.04 16.20
N TRP B 166 4.94 -31.21 15.79
CA TRP B 166 6.27 -31.31 15.21
C TRP B 166 6.45 -30.37 14.02
N ALA B 167 5.47 -30.40 13.12
CA ALA B 167 5.50 -29.65 11.88
C ALA B 167 5.47 -28.12 12.11
N ASP B 168 4.52 -27.67 12.94
CA ASP B 168 4.45 -26.26 13.33
C ASP B 168 5.78 -25.78 13.89
N THR B 169 6.42 -26.64 14.67
CA THR B 169 7.74 -26.30 15.20
C THR B 169 8.79 -26.23 14.10
N MET B 170 8.72 -27.15 13.15
CA MET B 170 9.70 -27.21 12.07
C MET B 170 9.66 -26.03 11.09
N VAL B 171 8.47 -25.46 10.91
CA VAL B 171 8.32 -24.30 10.02
C VAL B 171 8.31 -23.00 10.82
N SER B 172 8.81 -23.06 12.06
CA SER B 172 9.03 -21.85 12.86
C SER B 172 10.52 -21.58 13.00
N LEU B 173 11.04 -20.72 12.15
CA LEU B 173 12.46 -20.35 12.16
C LEU B 173 12.81 -19.32 13.26
N THR B 174 11.81 -18.87 14.00
CA THR B 174 12.02 -18.11 15.24
C THR B 174 11.08 -18.61 16.33
N GLY B 175 11.36 -18.25 17.58
CA GLY B 175 10.50 -18.64 18.69
C GLY B 175 10.93 -19.92 19.37
N TYR B 176 11.83 -20.65 18.73
CA TYR B 176 12.37 -21.90 19.28
C TYR B 176 13.89 -21.89 19.29
N SER B 177 14.46 -22.49 20.35
CA SER B 177 15.90 -22.71 20.41
C SER B 177 16.31 -23.72 19.35
N MET B 178 17.61 -23.92 19.19
CA MET B 178 18.10 -24.91 18.24
C MET B 178 17.83 -26.31 18.78
N GLU B 179 17.92 -26.47 20.09
CA GLU B 179 17.64 -27.73 20.76
C GLU B 179 16.21 -28.18 20.50
N ASP B 180 15.25 -27.32 20.80
CA ASP B 180 13.84 -27.63 20.58
C ASP B 180 13.51 -27.96 19.12
N TRP B 181 14.05 -27.16 18.21
CA TRP B 181 13.80 -27.34 16.79
C TRP B 181 14.35 -28.68 16.32
N THR B 182 15.62 -28.93 16.62
CA THR B 182 16.27 -30.21 16.30
C THR B 182 15.50 -31.38 16.94
N ALA B 183 14.91 -31.13 18.11
CA ALA B 183 14.11 -32.13 18.79
C ALA B 183 12.89 -32.50 17.96
N ALA B 184 12.14 -31.49 17.53
CA ALA B 184 10.97 -31.72 16.68
C ALA B 184 11.34 -32.46 15.39
N ARG B 185 12.37 -31.97 14.70
CA ARG B 185 12.84 -32.60 13.48
C ARG B 185 13.23 -34.07 13.70
N ASP B 186 14.07 -34.33 14.70
CA ASP B 186 14.52 -35.69 15.01
C ASP B 186 13.37 -36.64 15.36
N ALA B 187 12.41 -36.12 16.13
CA ALA B 187 11.21 -36.89 16.47
C ALA B 187 10.37 -37.24 15.24
N LEU B 188 10.07 -36.24 14.41
CA LEU B 188 9.31 -36.47 13.18
C LEU B 188 10.01 -37.46 12.24
N GLU B 189 11.32 -37.34 12.14
CA GLU B 189 12.07 -38.25 11.29
C GLU B 189 12.03 -39.68 11.84
N SER B 190 12.21 -39.83 13.15
CA SER B 190 12.18 -41.16 13.78
C SER B 190 10.81 -41.81 13.61
N TYR B 191 9.78 -41.00 13.84
CA TYR B 191 8.41 -41.42 13.59
C TYR B 191 8.25 -41.91 12.16
N LEU B 192 8.79 -41.17 11.20
CA LEU B 192 8.61 -41.57 9.81
C LEU B 192 9.38 -42.85 9.45
N ASP B 193 10.54 -43.07 10.08
CA ASP B 193 11.23 -44.36 9.95
C ASP B 193 10.30 -45.49 10.42
N GLY B 194 9.71 -45.28 11.59
CA GLY B 194 8.77 -46.24 12.14
C GLY B 194 7.61 -46.51 11.21
N LEU B 195 7.06 -45.45 10.63
CA LEU B 195 5.87 -45.57 9.81
C LEU B 195 6.19 -46.26 8.48
N VAL B 196 7.36 -45.96 7.92
CA VAL B 196 7.85 -46.64 6.72
C VAL B 196 7.91 -48.15 6.96
N ALA B 197 8.51 -48.53 8.09
CA ALA B 197 8.58 -49.94 8.46
C ALA B 197 7.17 -50.57 8.59
N ALA B 198 6.30 -49.85 9.29
CA ALA B 198 4.90 -50.24 9.44
C ALA B 198 4.21 -50.48 8.11
N LYS B 199 4.46 -49.60 7.15
CA LYS B 199 3.76 -49.64 5.88
C LYS B 199 4.32 -50.78 5.04
N ARG B 200 5.54 -51.18 5.37
CA ARG B 200 6.12 -52.35 4.73
C ARG B 200 5.40 -53.58 5.21
N GLU B 201 5.26 -53.72 6.53
CA GLU B 201 4.61 -54.89 7.12
C GLU B 201 3.08 -54.88 6.99
N ASN B 202 2.48 -53.69 7.06
CA ASN B 202 1.02 -53.55 7.03
C ASN B 202 0.60 -52.49 6.01
N PRO B 203 0.83 -52.78 4.72
CA PRO B 203 0.56 -51.82 3.64
C PRO B 203 -0.91 -51.39 3.59
N GLY B 204 -1.16 -50.19 3.11
CA GLY B 204 -2.52 -49.70 2.91
C GLY B 204 -2.68 -49.21 1.48
N SER B 205 -3.86 -48.67 1.17
CA SER B 205 -4.11 -48.09 -0.15
C SER B 205 -3.70 -46.62 -0.14
N ASP B 206 -2.46 -46.35 0.25
CA ASP B 206 -1.96 -44.99 0.36
C ASP B 206 -0.60 -44.83 -0.32
N LEU B 207 -0.18 -43.58 -0.45
CA LEU B 207 1.03 -43.23 -1.20
C LEU B 207 2.31 -43.83 -0.59
N LEU B 208 2.39 -43.82 0.73
CA LEU B 208 3.62 -44.24 1.40
C LEU B 208 3.85 -45.74 1.25
N SER B 209 2.77 -46.51 1.30
CA SER B 209 2.84 -47.95 1.06
C SER B 209 3.48 -48.23 -0.29
N ALA B 210 2.97 -47.56 -1.32
CA ALA B 210 3.43 -47.76 -2.68
C ALA B 210 4.89 -47.36 -2.81
N LEU B 211 5.26 -46.25 -2.16
CA LEU B 211 6.65 -45.81 -2.19
C LEU B 211 7.57 -46.84 -1.52
N VAL B 212 7.13 -47.39 -0.39
CA VAL B 212 7.87 -48.40 0.35
C VAL B 212 8.07 -49.66 -0.46
N ALA B 213 7.03 -50.07 -1.17
CA ALA B 213 7.08 -51.23 -2.04
C ALA B 213 8.11 -51.01 -3.14
N THR B 214 7.95 -49.91 -3.87
CA THR B 214 8.88 -49.54 -4.93
C THR B 214 10.32 -49.53 -4.41
N ALA B 215 10.52 -49.06 -3.19
CA ALA B 215 11.85 -49.00 -2.61
C ALA B 215 12.35 -50.42 -2.33
N ALA B 216 11.42 -51.31 -2.03
CA ALA B 216 11.75 -52.69 -1.74
C ALA B 216 12.22 -53.39 -3.00
N GLU B 217 11.75 -52.91 -4.15
CA GLU B 217 12.18 -53.48 -5.43
C GLU B 217 13.40 -52.72 -6.04
N ASP B 218 13.71 -51.55 -5.49
CA ASP B 218 14.80 -50.71 -6.03
C ASP B 218 15.95 -50.47 -5.07
N ASN B 219 17.17 -50.63 -5.58
CA ASN B 219 18.38 -50.42 -4.80
C ASN B 219 18.84 -48.96 -4.81
N GLU B 220 18.25 -48.17 -5.70
CA GLU B 220 18.52 -46.72 -5.72
C GLU B 220 17.59 -45.98 -4.76
N LEU B 221 16.32 -46.38 -4.74
CA LEU B 221 15.36 -45.86 -3.78
C LEU B 221 15.52 -46.59 -2.44
N THR B 222 16.04 -45.89 -1.43
CA THR B 222 16.20 -46.47 -0.10
C THR B 222 15.01 -46.14 0.80
N ASP B 223 14.92 -46.81 1.95
CA ASP B 223 13.89 -46.50 2.93
C ASP B 223 14.11 -45.11 3.49
N HIS B 224 15.38 -44.73 3.59
CA HIS B 224 15.78 -43.39 4.01
C HIS B 224 15.20 -42.31 3.07
N ASP B 225 15.35 -42.52 1.76
CA ASP B 225 14.82 -41.59 0.77
C ASP B 225 13.31 -41.52 0.86
N VAL B 226 12.66 -42.66 1.08
CA VAL B 226 11.21 -42.70 1.24
C VAL B 226 10.80 -41.88 2.46
N ARG B 227 11.58 -41.95 3.53
CA ARG B 227 11.29 -41.16 4.72
C ARG B 227 11.42 -39.68 4.41
N SER B 228 12.49 -39.31 3.72
CA SER B 228 12.74 -37.93 3.35
C SER B 228 11.59 -37.38 2.51
N LEU B 229 11.17 -38.17 1.52
CA LEU B 229 10.06 -37.79 0.65
C LEU B 229 8.77 -37.63 1.42
N SER B 230 8.48 -38.55 2.33
CA SER B 230 7.27 -38.43 3.12
C SER B 230 7.35 -37.18 4.01
N LEU B 231 8.55 -36.89 4.51
CA LEU B 231 8.74 -35.69 5.35
C LEU B 231 8.38 -34.43 4.59
N ILE B 232 8.98 -34.25 3.42
CA ILE B 232 8.70 -33.04 2.66
C ILE B 232 7.25 -33.00 2.16
N LEU B 233 6.69 -34.17 1.84
CA LEU B 233 5.30 -34.23 1.37
C LEU B 233 4.33 -33.86 2.47
N LEU B 234 4.64 -34.25 3.70
CA LEU B 234 3.81 -33.90 4.85
C LEU B 234 3.93 -32.41 5.16
N LEU B 235 5.17 -31.95 5.34
CA LEU B 235 5.42 -30.53 5.60
C LEU B 235 4.81 -29.58 4.56
N ALA B 236 5.15 -29.81 3.30
CA ALA B 236 4.62 -29.00 2.18
C ALA B 236 3.13 -29.25 1.95
N GLY B 237 2.66 -30.45 2.29
CA GLY B 237 1.28 -30.82 2.04
C GLY B 237 0.35 -30.12 3.00
N TYR B 238 0.87 -29.84 4.20
CA TYR B 238 0.05 -29.24 5.25
C TYR B 238 0.27 -27.74 5.47
N GLU B 239 1.51 -27.33 5.65
CA GLU B 239 1.75 -25.97 6.16
C GLU B 239 1.36 -24.82 5.22
N PRO B 240 1.94 -24.76 4.00
CA PRO B 240 1.51 -23.63 3.17
C PRO B 240 0.04 -23.67 2.77
N ALA B 241 -0.52 -24.87 2.63
CA ALA B 241 -1.93 -24.98 2.25
C ALA B 241 -2.87 -24.47 3.34
N SER B 242 -2.50 -24.68 4.60
CA SER B 242 -3.35 -24.20 5.70
C SER B 242 -3.28 -22.68 5.82
N ASN B 243 -2.08 -22.13 5.75
CA ASN B 243 -1.90 -20.68 5.68
C ASN B 243 -2.66 -20.05 4.52
N GLN B 244 -2.53 -20.66 3.34
CA GLN B 244 -3.18 -20.15 2.14
C GLN B 244 -4.71 -20.18 2.25
N LEU B 245 -5.25 -21.25 2.81
CA LEU B 245 -6.70 -21.34 2.93
C LEU B 245 -7.24 -20.26 3.87
N GLY B 246 -6.59 -20.07 5.02
CA GLY B 246 -6.94 -18.99 5.94
C GLY B 246 -6.83 -17.62 5.29
N SER B 247 -5.67 -17.34 4.69
CA SER B 247 -5.45 -16.04 4.10
C SER B 247 -6.40 -15.76 2.92
N SER B 248 -6.78 -16.80 2.18
CA SER B 248 -7.70 -16.62 1.06
C SER B 248 -9.11 -16.28 1.55
N VAL B 249 -9.58 -16.96 2.59
CA VAL B 249 -10.88 -16.64 3.16
C VAL B 249 -10.90 -15.19 3.65
N LEU B 250 -9.90 -14.82 4.46
CA LEU B 250 -9.76 -13.44 4.93
C LEU B 250 -9.80 -12.43 3.79
N THR B 251 -9.03 -12.70 2.75
CA THR B 251 -8.97 -11.82 1.59
C THR B 251 -10.36 -11.63 0.98
N LEU B 252 -11.13 -12.72 0.87
CA LEU B 252 -12.50 -12.60 0.36
C LEU B 252 -13.35 -11.70 1.26
N LEU B 253 -13.18 -11.83 2.57
CA LEU B 253 -13.94 -11.03 3.53
C LEU B 253 -13.54 -9.56 3.48
N ARG B 254 -12.27 -9.31 3.18
CA ARG B 254 -11.75 -7.95 3.03
C ARG B 254 -12.21 -7.30 1.73
N PHE B 255 -12.77 -8.10 0.82
CA PHE B 255 -13.33 -7.58 -0.43
C PHE B 255 -14.74 -8.13 -0.68
N PRO B 256 -15.73 -7.68 0.13
CA PRO B 256 -17.11 -8.23 0.14
C PRO B 256 -17.82 -8.25 -1.22
N ASP B 257 -17.62 -7.24 -2.05
CA ASP B 257 -18.17 -7.23 -3.39
C ASP B 257 -17.72 -8.46 -4.17
N ARG B 258 -16.42 -8.71 -4.13
CA ARG B 258 -15.82 -9.86 -4.82
C ARG B 258 -16.39 -11.15 -4.28
N LEU B 259 -16.44 -11.25 -2.95
CA LEU B 259 -17.04 -12.39 -2.25
C LEU B 259 -18.43 -12.69 -2.78
N ALA B 260 -19.26 -11.65 -2.89
CA ALA B 260 -20.61 -11.77 -3.43
C ALA B 260 -20.61 -12.30 -4.85
N GLU B 261 -19.85 -11.64 -5.73
CA GLU B 261 -19.77 -12.06 -7.14
C GLU B 261 -19.38 -13.54 -7.29
N LEU B 262 -18.44 -13.99 -6.45
CA LEU B 262 -17.99 -15.38 -6.47
C LEU B 262 -19.08 -16.32 -5.99
N ARG B 263 -19.72 -15.93 -4.88
CA ARG B 263 -20.84 -16.68 -4.30
C ARG B 263 -21.94 -16.90 -5.33
N ARG B 264 -22.20 -15.88 -6.15
CA ARG B 264 -23.19 -15.98 -7.22
C ARG B 264 -22.73 -16.77 -8.43
N ASP B 265 -21.42 -16.96 -8.58
CA ASP B 265 -20.89 -17.63 -9.77
C ASP B 265 -19.75 -18.58 -9.39
N PRO B 266 -20.10 -19.81 -9.00
CA PRO B 266 -19.09 -20.78 -8.54
C PRO B 266 -18.22 -21.29 -9.70
N GLY B 267 -18.62 -21.03 -10.94
CA GLY B 267 -17.79 -21.39 -12.08
C GLY B 267 -16.53 -20.54 -12.09
N LEU B 268 -16.59 -19.40 -11.42
CA LEU B 268 -15.48 -18.49 -11.26
C LEU B 268 -14.45 -19.02 -10.25
N LEU B 269 -14.82 -20.08 -9.54
CA LEU B 269 -14.00 -20.61 -8.44
C LEU B 269 -12.51 -20.94 -8.77
N PRO B 270 -12.26 -21.73 -9.83
CA PRO B 270 -10.82 -22.01 -10.06
C PRO B 270 -10.00 -20.77 -10.44
N SER B 271 -10.61 -19.84 -11.16
CA SER B 271 -9.95 -18.58 -11.50
C SER B 271 -9.72 -17.74 -10.23
N ALA B 272 -10.74 -17.65 -9.39
CA ALA B 272 -10.66 -16.90 -8.14
C ALA B 272 -9.54 -17.43 -7.24
N VAL B 273 -9.31 -18.74 -7.28
CA VAL B 273 -8.31 -19.36 -6.42
C VAL B 273 -6.91 -18.93 -6.85
N GLU B 274 -6.70 -18.82 -8.16
CA GLU B 274 -5.42 -18.37 -8.68
C GLU B 274 -5.15 -16.91 -8.29
N GLU B 275 -6.18 -16.06 -8.41
CA GLU B 275 -6.10 -14.67 -7.96
C GLU B 275 -5.84 -14.53 -6.46
N LEU B 276 -6.50 -15.36 -5.65
CA LEU B 276 -6.24 -15.37 -4.21
C LEU B 276 -4.79 -15.77 -3.87
N MET B 277 -4.23 -16.71 -4.62
CA MET B 277 -2.82 -17.05 -4.43
C MET B 277 -1.91 -15.89 -4.89
N ARG B 278 -2.27 -15.22 -5.98
CA ARG B 278 -1.51 -14.06 -6.42
C ARG B 278 -1.55 -12.95 -5.37
N TYR B 279 -2.75 -12.66 -4.87
CA TYR B 279 -2.92 -11.56 -3.93
C TYR B 279 -2.27 -11.83 -2.55
N ALA B 280 -2.49 -13.04 -2.03
CA ALA B 280 -2.14 -13.32 -0.64
C ALA B 280 -1.19 -14.49 -0.55
N PRO B 281 0.08 -14.21 -0.18
CA PRO B 281 1.08 -15.28 -0.12
C PRO B 281 0.86 -16.21 1.06
N ALA B 282 1.53 -17.35 1.07
CA ALA B 282 1.44 -18.29 2.19
C ALA B 282 2.54 -18.01 3.22
N GLY B 283 3.21 -16.88 3.05
CA GLY B 283 4.36 -16.55 3.88
C GLY B 283 5.14 -15.39 3.26
N ASP B 284 6.09 -14.83 4.02
CA ASP B 284 6.82 -13.67 3.54
C ASP B 284 8.22 -14.04 3.08
N GLY B 285 8.61 -15.29 3.32
CA GLY B 285 9.92 -15.77 2.93
C GLY B 285 10.13 -15.79 1.42
N ALA B 286 11.32 -15.35 1.00
CA ALA B 286 11.73 -15.43 -0.39
C ALA B 286 12.33 -16.82 -0.65
N LEU B 287 12.13 -17.34 -1.86
CA LEU B 287 12.67 -18.64 -2.22
C LEU B 287 14.19 -18.58 -2.38
N PHE B 288 14.88 -19.64 -1.98
CA PHE B 288 16.33 -19.64 -1.88
C PHE B 288 16.99 -20.35 -3.07
N ARG B 289 18.01 -19.73 -3.65
CA ARG B 289 18.86 -20.36 -4.68
C ARG B 289 20.32 -20.02 -4.45
N VAL B 290 21.22 -20.82 -5.02
CA VAL B 290 22.66 -20.55 -4.99
C VAL B 290 23.21 -20.68 -6.40
N THR B 291 23.98 -19.69 -6.84
CA THR B 291 24.57 -19.71 -8.17
C THR B 291 25.60 -20.85 -8.32
N LEU B 292 25.47 -21.62 -9.39
CA LEU B 292 26.45 -22.66 -9.69
C LEU B 292 27.66 -22.11 -10.46
N GLU B 293 27.43 -21.04 -11.21
CA GLU B 293 28.50 -20.32 -11.90
C GLU B 293 28.16 -18.84 -11.90
N ASP B 294 29.11 -18.01 -12.36
CA ASP B 294 28.89 -16.57 -12.49
C ASP B 294 27.69 -16.23 -13.38
N VAL B 295 26.79 -15.39 -12.87
CA VAL B 295 25.62 -14.97 -13.65
C VAL B 295 25.40 -13.45 -13.55
N THR B 296 24.96 -12.86 -14.65
CA THR B 296 24.67 -11.43 -14.68
C THR B 296 23.17 -11.19 -14.86
N ILE B 297 22.60 -10.34 -14.01
CA ILE B 297 21.22 -9.91 -14.12
C ILE B 297 21.24 -8.39 -14.17
N GLY B 298 20.80 -7.82 -15.30
CA GLY B 298 20.97 -6.40 -15.53
C GLY B 298 22.42 -5.98 -15.36
N ASP B 299 22.69 -5.00 -14.51
CA ASP B 299 24.05 -4.51 -14.29
C ASP B 299 24.79 -5.24 -13.18
N THR B 300 24.11 -6.17 -12.51
CA THR B 300 24.75 -6.85 -11.38
C THR B 300 25.45 -8.16 -11.78
N HIS B 301 26.72 -8.25 -11.40
CA HIS B 301 27.47 -9.47 -11.60
C HIS B 301 27.46 -10.28 -10.32
N ILE B 302 26.71 -11.37 -10.35
CA ILE B 302 26.59 -12.27 -9.21
C ILE B 302 27.60 -13.40 -9.39
N PRO B 303 28.65 -13.40 -8.56
CA PRO B 303 29.69 -14.42 -8.67
C PRO B 303 29.17 -15.79 -8.25
N ALA B 304 29.84 -16.86 -8.69
CA ALA B 304 29.43 -18.21 -8.35
C ALA B 304 29.41 -18.44 -6.85
N ASN B 305 28.54 -19.34 -6.40
CA ASN B 305 28.39 -19.67 -4.99
C ASN B 305 27.83 -18.52 -4.14
N SER B 306 27.02 -17.66 -4.76
CA SER B 306 26.33 -16.60 -4.04
C SER B 306 24.88 -17.01 -3.79
N ALA B 307 24.34 -16.58 -2.65
CA ALA B 307 22.91 -16.77 -2.38
C ALA B 307 22.09 -15.74 -3.16
N VAL B 308 21.11 -16.22 -3.94
CA VAL B 308 20.15 -15.35 -4.60
C VAL B 308 18.74 -15.78 -4.25
N LEU B 309 17.99 -14.88 -3.63
CA LEU B 309 16.62 -15.15 -3.20
C LEU B 309 15.63 -14.50 -4.15
N ALA B 310 14.46 -15.10 -4.29
CA ALA B 310 13.46 -14.57 -5.20
C ALA B 310 12.11 -14.41 -4.47
N SER B 311 11.62 -13.17 -4.41
CA SER B 311 10.36 -12.93 -3.67
C SER B 311 9.12 -13.13 -4.56
N THR B 312 8.41 -14.22 -4.34
CA THR B 312 7.16 -14.48 -5.07
C THR B 312 6.11 -13.47 -4.65
N GLN B 313 6.25 -12.96 -3.42
CA GLN B 313 5.36 -11.92 -2.92
C GLN B 313 5.49 -10.65 -3.72
N ALA B 314 6.73 -10.20 -3.93
CA ALA B 314 6.93 -8.98 -4.71
C ALA B 314 6.55 -9.24 -6.18
N ALA B 315 6.95 -10.39 -6.70
CA ALA B 315 6.69 -10.71 -8.10
C ALA B 315 5.20 -10.73 -8.42
N ASN B 316 4.42 -11.35 -7.55
CA ASN B 316 2.98 -11.45 -7.76
C ASN B 316 2.25 -10.11 -7.62
N TRP B 317 2.95 -9.09 -7.14
CA TRP B 317 2.37 -7.74 -7.03
C TRP B 317 3.07 -6.75 -7.97
N ASP B 318 3.92 -7.28 -8.84
CA ASP B 318 4.68 -6.48 -9.80
C ASP B 318 3.75 -5.88 -10.87
N PRO B 319 3.60 -4.56 -10.85
CA PRO B 319 2.71 -3.88 -11.80
C PRO B 319 3.23 -3.92 -13.24
N ARG B 320 4.49 -4.33 -13.43
CA ARG B 320 4.99 -4.55 -14.79
C ARG B 320 4.29 -5.73 -15.47
N ARG B 321 3.66 -6.59 -14.68
CA ARG B 321 3.09 -7.86 -15.16
C ARG B 321 1.60 -8.02 -14.84
N PHE B 322 1.16 -7.46 -13.71
CA PHE B 322 -0.25 -7.51 -13.33
C PHE B 322 -0.86 -6.12 -13.17
N ASP B 323 -1.90 -5.83 -13.96
CA ASP B 323 -2.60 -4.56 -13.85
C ASP B 323 -3.35 -4.49 -12.52
N ASP B 324 -3.33 -3.32 -11.89
CA ASP B 324 -3.98 -3.14 -10.59
C ASP B 324 -3.65 -4.29 -9.62
N PRO B 325 -2.35 -4.45 -9.29
CA PRO B 325 -1.95 -5.60 -8.49
C PRO B 325 -2.40 -5.55 -7.02
N THR B 326 -2.71 -4.35 -6.53
CA THR B 326 -3.18 -4.23 -5.14
C THR B 326 -4.67 -4.47 -5.06
N GLY B 327 -5.33 -4.57 -6.22
CA GLY B 327 -6.74 -4.89 -6.26
C GLY B 327 -6.98 -6.40 -6.27
N LEU B 328 -8.23 -6.80 -6.09
CA LEU B 328 -8.59 -8.20 -6.19
C LEU B 328 -9.46 -8.43 -7.41
N ARG B 329 -8.92 -9.14 -8.39
CA ARG B 329 -9.67 -9.37 -9.61
C ARG B 329 -9.80 -10.85 -9.92
N LEU B 330 -10.93 -11.41 -9.47
CA LEU B 330 -11.18 -12.86 -9.50
C LEU B 330 -11.17 -13.46 -10.92
N ASP B 331 -11.54 -12.66 -11.92
CA ASP B 331 -11.59 -13.11 -13.32
C ASP B 331 -10.35 -12.72 -14.11
N ARG B 332 -9.24 -12.49 -13.41
CA ARG B 332 -8.00 -12.10 -14.06
C ARG B 332 -7.54 -13.14 -15.09
N PRO B 333 -7.29 -12.67 -16.32
CA PRO B 333 -6.80 -13.54 -17.40
C PRO B 333 -5.29 -13.69 -17.38
N ASP B 334 -4.81 -14.78 -17.97
CA ASP B 334 -3.37 -15.03 -18.08
C ASP B 334 -2.65 -14.81 -16.74
N ASN B 335 -3.26 -15.31 -15.67
CA ASN B 335 -2.72 -15.12 -14.32
C ASN B 335 -1.59 -16.10 -14.01
N GLN B 336 -0.42 -15.89 -14.62
CA GLN B 336 0.75 -16.75 -14.40
C GLN B 336 1.57 -16.30 -13.20
N HIS B 337 0.95 -16.30 -12.02
CA HIS B 337 1.64 -15.94 -10.80
C HIS B 337 2.63 -17.02 -10.40
N THR B 338 3.50 -16.66 -9.45
CA THR B 338 4.62 -17.49 -9.05
C THR B 338 4.47 -18.15 -7.66
N ALA B 339 3.27 -18.10 -7.08
CA ALA B 339 3.07 -18.64 -5.73
C ALA B 339 3.38 -20.13 -5.61
N LEU B 340 3.18 -20.86 -6.69
CA LEU B 340 3.52 -22.28 -6.70
C LEU B 340 4.89 -22.50 -7.31
N GLY B 341 5.68 -21.45 -7.49
CA GLY B 341 7.01 -21.60 -8.06
C GLY B 341 7.00 -21.61 -9.60
N HIS B 342 8.07 -22.11 -10.19
CA HIS B 342 8.23 -22.05 -11.65
C HIS B 342 9.46 -22.83 -12.09
N GLY B 343 9.30 -23.66 -13.12
CA GLY B 343 10.42 -24.48 -13.58
C GLY B 343 10.34 -25.90 -13.04
N ILE B 344 11.48 -26.57 -13.00
CA ILE B 344 11.50 -28.00 -12.67
C ILE B 344 11.10 -28.31 -11.22
N HIS B 345 11.21 -27.32 -10.34
CA HIS B 345 10.77 -27.50 -8.96
C HIS B 345 9.38 -26.93 -8.72
N PHE B 346 8.62 -26.70 -9.78
CA PHE B 346 7.24 -26.24 -9.64
C PHE B 346 6.49 -27.17 -8.68
N CYS B 347 5.63 -26.60 -7.83
CA CYS B 347 4.96 -27.34 -6.76
C CYS B 347 4.32 -28.67 -7.20
N LEU B 348 4.84 -29.77 -6.65
CA LEU B 348 4.33 -31.11 -6.95
C LEU B 348 2.86 -31.23 -6.62
N GLY B 349 2.42 -30.45 -5.62
CA GLY B 349 1.06 -30.55 -5.12
C GLY B 349 0.10 -29.53 -5.68
N ALA B 350 0.52 -28.84 -6.74
CA ALA B 350 -0.28 -27.77 -7.34
C ALA B 350 -1.75 -28.15 -7.60
N ALA B 351 -1.97 -29.29 -8.25
CA ALA B 351 -3.34 -29.73 -8.54
C ALA B 351 -4.10 -30.00 -7.23
N LEU B 352 -3.43 -30.66 -6.28
CA LEU B 352 -4.01 -30.88 -4.96
C LEU B 352 -4.31 -29.58 -4.23
N ALA B 353 -3.37 -28.63 -4.26
CA ALA B 353 -3.59 -27.35 -3.59
C ALA B 353 -4.80 -26.63 -4.18
N ARG B 354 -4.87 -26.65 -5.52
CA ARG B 354 -5.94 -25.96 -6.23
C ARG B 354 -7.31 -26.56 -5.91
N VAL B 355 -7.37 -27.90 -5.88
CA VAL B 355 -8.63 -28.55 -5.55
C VAL B 355 -9.04 -28.29 -4.10
N GLU B 356 -8.09 -28.43 -3.16
CA GLU B 356 -8.36 -28.12 -1.75
C GLU B 356 -8.96 -26.72 -1.57
N LEU B 357 -8.31 -25.73 -2.17
CA LEU B 357 -8.80 -24.36 -2.06
C LEU B 357 -10.19 -24.20 -2.68
N GLN B 358 -10.36 -24.74 -3.89
CA GLN B 358 -11.64 -24.66 -4.58
C GLN B 358 -12.78 -25.26 -3.75
N VAL B 359 -12.53 -26.46 -3.22
CA VAL B 359 -13.50 -27.22 -2.44
C VAL B 359 -13.86 -26.51 -1.14
N ALA B 360 -12.85 -26.26 -0.31
CA ALA B 360 -13.08 -25.64 0.99
C ALA B 360 -13.75 -24.27 0.87
N ILE B 361 -13.20 -23.41 0.01
CA ILE B 361 -13.79 -22.08 -0.17
C ILE B 361 -15.23 -22.18 -0.68
N GLY B 362 -15.44 -22.97 -1.74
CA GLY B 362 -16.78 -23.18 -2.29
C GLY B 362 -17.79 -23.62 -1.24
N ALA B 363 -17.43 -24.66 -0.49
CA ALA B 363 -18.23 -25.15 0.62
C ALA B 363 -18.57 -24.08 1.65
N LEU B 364 -17.54 -23.37 2.11
CA LEU B 364 -17.71 -22.32 3.10
C LEU B 364 -18.70 -21.27 2.61
N LEU B 365 -18.63 -20.95 1.32
CA LEU B 365 -19.54 -19.97 0.74
C LEU B 365 -20.98 -20.51 0.60
N ARG B 366 -21.12 -21.77 0.21
CA ARG B 366 -22.42 -22.43 0.17
C ARG B 366 -23.10 -22.43 1.54
N ARG B 367 -22.34 -22.74 2.59
CA ARG B 367 -22.90 -22.91 3.92
C ARG B 367 -23.30 -21.60 4.61
N PHE B 368 -22.58 -20.53 4.31
CA PHE B 368 -22.81 -19.29 5.04
C PHE B 368 -22.98 -18.10 4.10
N PRO B 369 -24.22 -17.87 3.64
CA PRO B 369 -24.54 -16.75 2.74
C PRO B 369 -24.33 -15.37 3.38
N ARG B 370 -24.24 -15.32 4.72
CA ARG B 370 -24.04 -14.05 5.40
C ARG B 370 -22.78 -14.09 6.24
N LEU B 371 -21.81 -14.88 5.80
CA LEU B 371 -20.51 -14.94 6.45
C LEU B 371 -19.84 -13.56 6.48
N ALA B 372 -19.23 -13.21 7.61
CA ALA B 372 -18.53 -11.95 7.72
C ALA B 372 -17.48 -11.97 8.80
N LEU B 373 -16.47 -11.12 8.65
CA LEU B 373 -15.43 -10.97 9.64
C LEU B 373 -16.05 -10.51 10.96
N ALA B 374 -15.90 -11.32 12.00
CA ALA B 374 -16.52 -11.03 13.29
C ALA B 374 -15.78 -9.96 14.07
N THR B 375 -14.67 -9.49 13.51
CA THR B 375 -13.77 -8.57 14.22
C THR B 375 -13.28 -7.48 13.28
N ASP B 376 -12.95 -6.31 13.81
CA ASP B 376 -12.38 -5.25 12.97
C ASP B 376 -10.97 -5.62 12.53
N GLU B 377 -10.66 -5.33 11.27
CA GLU B 377 -9.38 -5.65 10.64
C GLU B 377 -8.16 -5.32 11.53
N SER B 378 -8.25 -4.20 12.25
CA SER B 378 -7.19 -3.75 13.15
C SER B 378 -6.79 -4.78 14.21
N GLY B 379 -7.58 -5.83 14.38
CA GLY B 379 -7.32 -6.80 15.42
C GLY B 379 -6.45 -7.96 14.95
N LEU B 380 -6.37 -8.14 13.64
CA LEU B 380 -5.63 -9.24 13.04
C LEU B 380 -4.15 -9.20 13.42
N ARG B 381 -3.52 -10.37 13.48
CA ARG B 381 -2.10 -10.49 13.81
C ARG B 381 -1.38 -11.47 12.90
N TRP B 382 -0.27 -11.02 12.32
CA TRP B 382 0.60 -11.87 11.50
C TRP B 382 1.44 -12.76 12.42
N SER B 383 1.18 -14.07 12.38
CA SER B 383 1.68 -15.00 13.40
C SER B 383 3.18 -15.36 13.35
N SER B 384 3.80 -15.37 12.18
CA SER B 384 5.23 -15.72 12.12
C SER B 384 6.13 -14.76 11.33
N PRO B 385 6.47 -13.61 11.95
CA PRO B 385 7.27 -12.54 11.34
C PRO B 385 8.71 -12.94 10.97
N GLY B 386 9.22 -14.04 11.53
CA GLY B 386 10.57 -14.44 11.19
C GLY B 386 10.67 -15.70 10.34
N SER B 387 9.53 -16.33 10.07
CA SER B 387 9.56 -17.58 9.32
C SER B 387 9.22 -17.40 7.84
N MET B 388 9.57 -18.40 7.05
CA MET B 388 9.24 -18.38 5.63
C MET B 388 7.74 -18.49 5.38
N LEU B 389 7.11 -19.40 6.11
CA LEU B 389 5.66 -19.56 6.09
C LEU B 389 5.03 -18.81 7.27
N SER B 390 3.87 -18.21 7.04
CA SER B 390 3.07 -17.59 8.08
C SER B 390 1.65 -17.35 7.60
N GLY B 391 0.70 -17.41 8.55
CA GLY B 391 -0.66 -16.97 8.34
C GLY B 391 -1.03 -16.03 9.48
N PHE B 392 -2.33 -15.86 9.71
CA PHE B 392 -2.79 -15.00 10.79
C PHE B 392 -3.09 -15.82 12.05
N ALA B 393 -2.78 -15.26 13.22
CA ALA B 393 -3.04 -15.91 14.51
C ALA B 393 -4.43 -16.53 14.57
N GLU B 394 -5.45 -15.70 14.34
CA GLU B 394 -6.82 -16.19 14.25
C GLU B 394 -7.60 -15.39 13.22
N ILE B 395 -8.69 -15.95 12.72
CA ILE B 395 -9.57 -15.26 11.78
C ILE B 395 -11.02 -15.48 12.20
N PRO B 396 -11.51 -14.62 13.12
CA PRO B 396 -12.86 -14.69 13.67
C PRO B 396 -13.92 -14.41 12.62
N VAL B 397 -14.90 -15.30 12.49
CA VAL B 397 -16.01 -15.06 11.57
C VAL B 397 -17.37 -15.27 12.24
N THR B 398 -18.39 -14.64 11.66
CA THR B 398 -19.76 -14.85 12.10
C THR B 398 -20.62 -15.04 10.86
N TRP B 399 -21.85 -15.50 11.07
CA TRP B 399 -22.74 -15.77 9.94
C TRP B 399 -24.19 -15.74 10.36
#